data_4HY0
#
_entry.id   4HY0
#
_cell.length_a   58.336
_cell.length_b   100.840
_cell.length_c   184.583
_cell.angle_alpha   90.00
_cell.angle_beta   90.00
_cell.angle_gamma   90.00
#
_symmetry.space_group_name_H-M   'P 21 21 21'
#
loop_
_entity.id
_entity.type
_entity.pdbx_description
1 polymer 'E3 ubiquitin-protein ligase XIAP'
2 non-polymer 'ZINC ION'
3 non-polymer (3S,7R,8aR)-2-{(2S)-2-(4,4-difluorocyclohexyl)-2-[(N-methyl-L-alanyl)amino]acetyl}-N-[(4R)-3,4-dihydro-2H-chromen-4-yl]-7-ethoxyoctahydropyrrolo[1,2-a]pyrazine-3-carboxamide
4 water water
#
_entity_poly.entity_id   1
_entity_poly.type   'polypeptide(L)'
_entity_poly.pdbx_seq_one_letter_code
;GPLGSRSESDAVSSDRNFPNSTNLPRNPSMADYEARIFTFGTWIYSVNKEQLARAGFYALGEGDKVKCFHCGGGLTDWKP
SEDPWEQHAKWYPGCKYLLEQKGQEYINNIHLTHSLEECLVRTTE
;
_entity_poly.pdbx_strand_id   A,B,C,D,E,F,G,H
#
loop_
_chem_comp.id
_chem_comp.type
_chem_comp.name
_chem_comp.formula
1AQ non-polymer (3S,7R,8aR)-2-{(2S)-2-(4,4-difluorocyclohexyl)-2-[(N-methyl-L-alanyl)amino]acetyl}-N-[(4R)-3,4-dihydro-2H-chromen-4-yl]-7-ethoxyoctahydropyrrolo[1,2-a]pyrazine-3-carboxamide 'C31 H45 F2 N5 O5'
ZN non-polymer 'ZINC ION' 'Zn 2'
#
# COMPACT_ATOMS: atom_id res chain seq x y z
N THR A 22 8.80 5.84 -7.54
CA THR A 22 10.16 5.59 -8.12
C THR A 22 10.94 4.64 -7.20
N ASN A 23 11.91 3.94 -7.77
CA ASN A 23 12.62 2.87 -7.06
C ASN A 23 13.88 3.30 -6.30
N LEU A 24 13.93 4.55 -5.85
CA LEU A 24 15.01 5.03 -4.98
C LEU A 24 14.83 4.44 -3.59
N PRO A 25 15.93 4.19 -2.88
CA PRO A 25 15.81 3.68 -1.51
C PRO A 25 15.11 4.68 -0.58
N ARG A 26 14.21 4.18 0.25
CA ARG A 26 13.49 5.02 1.20
C ARG A 26 14.39 5.61 2.28
N ASN A 27 15.37 4.82 2.72
CA ASN A 27 16.36 5.27 3.69
C ASN A 27 17.78 5.03 3.16
N PRO A 28 18.28 5.96 2.33
CA PRO A 28 19.61 5.73 1.74
C PRO A 28 20.77 5.77 2.75
N SER A 29 20.53 6.34 3.93
CA SER A 29 21.52 6.33 5.01
C SER A 29 21.88 4.91 5.39
N MET A 30 20.87 4.06 5.48
CA MET A 30 21.04 2.66 5.85
C MET A 30 21.37 1.75 4.66
N ALA A 31 21.79 2.34 3.54
CA ALA A 31 22.11 1.58 2.34
C ALA A 31 23.36 0.71 2.56
N ASP A 32 24.29 1.23 3.34
CA ASP A 32 25.51 0.49 3.72
C ASP A 32 25.20 -0.58 4.77
N TYR A 33 25.69 -1.81 4.52
CA TYR A 33 25.57 -2.91 5.47
C TYR A 33 26.17 -2.55 6.84
N GLU A 34 27.35 -1.94 6.85
CA GLU A 34 27.98 -1.58 8.12
C GLU A 34 27.13 -0.57 8.90
N ALA A 35 26.41 0.28 8.18
CA ALA A 35 25.45 1.18 8.82
C ALA A 35 24.33 0.37 9.46
N ARG A 36 23.83 -0.63 8.73
CA ARG A 36 22.74 -1.47 9.25
C ARG A 36 23.17 -2.30 10.48
N ILE A 37 24.29 -3.01 10.37
CA ILE A 37 24.76 -3.86 11.46
C ILE A 37 24.96 -3.06 12.77
N PHE A 38 25.46 -1.84 12.65
CA PHE A 38 25.64 -0.94 13.78
C PHE A 38 24.35 -0.77 14.61
N THR A 39 23.22 -0.58 13.96
CA THR A 39 21.92 -0.38 14.65
C THR A 39 21.53 -1.52 15.61
N PHE A 40 22.17 -2.69 15.46
CA PHE A 40 21.93 -3.85 16.32
C PHE A 40 22.95 -3.87 17.46
N GLY A 41 22.97 -2.82 18.27
CA GLY A 41 23.94 -2.66 19.34
C GLY A 41 23.61 -3.55 20.53
N THR A 42 24.25 -4.71 20.59
CA THR A 42 23.86 -5.80 21.50
C THR A 42 22.39 -6.16 21.25
N TRP A 43 22.18 -6.95 20.22
CA TRP A 43 20.86 -7.35 19.78
C TRP A 43 20.43 -8.57 20.52
N ILE A 44 19.49 -8.40 21.46
CA ILE A 44 19.07 -9.49 22.35
C ILE A 44 18.25 -10.57 21.66
N TYR A 45 17.49 -10.19 20.63
CA TYR A 45 16.43 -11.06 20.14
C TYR A 45 16.96 -12.25 19.39
N SER A 46 16.10 -13.26 19.25
CA SER A 46 16.48 -14.56 18.72
C SER A 46 17.13 -14.48 17.33
N VAL A 47 16.43 -13.91 16.35
CA VAL A 47 16.94 -13.82 14.98
C VAL A 47 18.35 -13.22 14.88
N ASN A 48 19.11 -13.74 13.92
CA ASN A 48 20.50 -13.34 13.70
C ASN A 48 20.61 -11.96 13.05
N LYS A 49 21.41 -11.10 13.64
CA LYS A 49 21.57 -9.73 13.15
C LYS A 49 22.34 -9.64 11.84
N GLU A 50 23.33 -10.52 11.66
CA GLU A 50 24.06 -10.54 10.39
C GLU A 50 23.08 -10.83 9.26
N GLN A 51 22.25 -11.85 9.43
CA GLN A 51 21.24 -12.19 8.43
C GLN A 51 20.25 -11.03 8.23
N LEU A 52 19.77 -10.46 9.33
CA LEU A 52 18.86 -9.30 9.28
C LEU A 52 19.39 -8.13 8.44
N ALA A 53 20.65 -7.77 8.67
CA ALA A 53 21.26 -6.62 7.99
C ALA A 53 21.59 -6.98 6.56
N ARG A 54 21.95 -8.23 6.32
CA ARG A 54 22.22 -8.69 4.96
C ARG A 54 20.93 -8.59 4.15
N ALA A 55 19.83 -9.01 4.76
CA ALA A 55 18.51 -8.94 4.14
C ALA A 55 18.00 -7.50 3.96
N GLY A 56 18.78 -6.52 4.40
CA GLY A 56 18.47 -5.12 4.13
C GLY A 56 17.75 -4.41 5.27
N PHE A 57 17.74 -5.04 6.45
CA PHE A 57 17.04 -4.50 7.61
C PHE A 57 17.94 -3.77 8.59
N TYR A 58 17.40 -2.75 9.24
CA TYR A 58 18.05 -2.12 10.39
C TYR A 58 17.08 -2.02 11.56
N ALA A 59 17.62 -1.92 12.77
CA ALA A 59 16.82 -1.87 13.99
C ALA A 59 16.36 -0.45 14.24
N LEU A 60 15.15 -0.34 14.80
CA LEU A 60 14.55 0.96 15.09
C LEU A 60 14.76 1.38 16.53
N GLY A 61 15.14 0.43 17.39
CA GLY A 61 15.36 0.71 18.80
C GLY A 61 14.11 0.63 19.67
N GLU A 62 13.08 -0.05 19.19
CA GLU A 62 11.96 -0.43 20.05
C GLU A 62 11.49 -1.85 19.74
N GLY A 63 11.59 -2.72 20.74
CA GLY A 63 11.32 -4.14 20.54
C GLY A 63 12.25 -4.71 19.49
N ASP A 64 11.75 -5.68 18.73
CA ASP A 64 12.51 -6.26 17.61
C ASP A 64 12.07 -5.68 16.27
N LYS A 65 11.47 -4.49 16.31
CA LYS A 65 11.02 -3.81 15.09
C LYS A 65 12.17 -3.42 14.18
N VAL A 66 12.16 -3.92 12.95
CA VAL A 66 13.15 -3.57 11.94
C VAL A 66 12.46 -3.09 10.67
N LYS A 67 13.17 -2.26 9.89
CA LYS A 67 12.69 -1.79 8.59
C LYS A 67 13.76 -2.07 7.54
N CYS A 68 13.32 -2.27 6.30
CA CYS A 68 14.22 -2.41 5.16
C CYS A 68 14.54 -1.04 4.61
N PHE A 69 15.83 -0.75 4.46
CA PHE A 69 16.28 0.56 4.00
C PHE A 69 15.73 0.94 2.63
N HIS A 70 15.42 -0.05 1.78
CA HIS A 70 15.00 0.24 0.41
C HIS A 70 13.50 0.41 0.27
N CYS A 71 12.74 -0.62 0.64
CA CYS A 71 11.27 -0.59 0.52
C CYS A 71 10.58 0.06 1.71
N GLY A 72 11.28 0.12 2.84
CA GLY A 72 10.73 0.71 4.07
C GLY A 72 9.78 -0.21 4.80
N GLY A 73 9.74 -1.48 4.40
CA GLY A 73 8.83 -2.44 5.00
C GLY A 73 9.22 -2.84 6.41
N GLY A 74 8.32 -2.61 7.37
CA GLY A 74 8.60 -2.96 8.76
C GLY A 74 8.23 -4.39 9.08
N LEU A 75 9.03 -5.04 9.92
CA LEU A 75 8.71 -6.39 10.43
C LEU A 75 8.99 -6.46 11.94
N THR A 76 8.21 -7.28 12.65
CA THR A 76 8.31 -7.39 14.10
C THR A 76 7.84 -8.76 14.61
N ASP A 77 8.07 -9.01 15.89
CA ASP A 77 7.69 -10.27 16.56
C ASP A 77 8.29 -11.51 15.88
N TRP A 78 9.62 -11.56 15.83
CA TRP A 78 10.33 -12.64 15.16
C TRP A 78 10.34 -13.90 15.97
N LYS A 79 10.30 -15.03 15.27
CA LYS A 79 10.39 -16.34 15.92
C LYS A 79 11.82 -16.86 15.80
N PRO A 80 12.28 -17.62 16.82
CA PRO A 80 13.66 -18.09 17.01
C PRO A 80 14.46 -18.51 15.77
N SER A 81 13.83 -19.17 14.82
CA SER A 81 14.55 -19.77 13.69
C SER A 81 14.37 -19.06 12.34
N GLU A 82 13.53 -18.03 12.29
CA GLU A 82 13.06 -17.46 11.02
C GLU A 82 14.16 -16.93 10.11
N ASP A 83 13.90 -16.99 8.80
CA ASP A 83 14.80 -16.47 7.78
C ASP A 83 14.38 -15.04 7.40
N PRO A 84 15.22 -14.03 7.69
CA PRO A 84 14.84 -12.67 7.37
C PRO A 84 14.54 -12.43 5.89
N TRP A 85 15.27 -13.11 5.01
CA TRP A 85 15.04 -12.99 3.58
C TRP A 85 13.67 -13.45 3.19
N GLU A 86 13.26 -14.59 3.75
CA GLU A 86 11.94 -15.14 3.46
C GLU A 86 10.83 -14.19 3.93
N GLN A 87 10.93 -13.68 5.15
CA GLN A 87 9.92 -12.76 5.66
C GLN A 87 9.90 -11.45 4.84
N HIS A 88 11.08 -10.94 4.50
CA HIS A 88 11.19 -9.78 3.59
C HIS A 88 10.37 -10.00 2.33
N ALA A 89 10.48 -11.21 1.76
CA ALA A 89 9.82 -11.57 0.51
C ALA A 89 8.34 -11.89 0.71
N LYS A 90 8.03 -12.55 1.81
CA LYS A 90 6.66 -12.91 2.13
C LYS A 90 5.78 -11.67 2.20
N TRP A 91 6.28 -10.62 2.82
CA TRP A 91 5.47 -9.43 3.10
C TRP A 91 5.67 -8.24 2.22
N TYR A 92 6.86 -8.09 1.65
CA TYR A 92 7.19 -6.95 0.81
C TYR A 92 7.90 -7.40 -0.46
N PRO A 93 7.17 -8.14 -1.32
CA PRO A 93 7.75 -8.69 -2.54
C PRO A 93 8.17 -7.64 -3.57
N GLY A 94 7.77 -6.38 -3.35
CA GLY A 94 8.12 -5.27 -4.24
C GLY A 94 9.52 -4.64 -4.14
N CYS A 95 10.20 -4.84 -3.02
CA CYS A 95 11.56 -4.31 -2.82
C CYS A 95 12.55 -4.53 -3.98
N LYS A 96 13.03 -3.43 -4.57
CA LYS A 96 14.11 -3.41 -5.57
C LYS A 96 15.38 -4.09 -5.06
N TYR A 97 15.67 -3.90 -3.78
CA TYR A 97 16.88 -4.48 -3.20
C TYR A 97 16.74 -6.00 -3.19
N LEU A 98 15.55 -6.46 -2.80
CA LEU A 98 15.26 -7.90 -2.72
C LEU A 98 15.38 -8.56 -4.09
N LEU A 99 14.74 -7.96 -5.08
CA LEU A 99 14.75 -8.47 -6.45
C LEU A 99 16.18 -8.63 -6.95
N GLU A 100 16.99 -7.59 -6.81
CA GLU A 100 18.39 -7.62 -7.22
C GLU A 100 19.13 -8.74 -6.52
N GLN A 101 18.95 -8.85 -5.20
CA GLN A 101 19.73 -9.81 -4.40
C GLN A 101 19.28 -11.25 -4.55
N LYS A 102 17.98 -11.46 -4.74
CA LYS A 102 17.40 -12.80 -4.63
C LYS A 102 16.69 -13.31 -5.89
N GLY A 103 16.12 -12.43 -6.70
CA GLY A 103 15.59 -12.79 -8.01
C GLY A 103 14.08 -12.97 -8.12
N GLN A 104 13.58 -12.82 -9.34
CA GLN A 104 12.17 -13.08 -9.68
C GLN A 104 11.63 -14.39 -9.10
N GLU A 105 12.31 -15.47 -9.44
CA GLU A 105 11.85 -16.81 -9.12
C GLU A 105 11.68 -17.01 -7.62
N TYR A 106 12.66 -16.56 -6.84
CA TYR A 106 12.61 -16.66 -5.38
C TYR A 106 11.40 -15.92 -4.82
N ILE A 107 11.16 -14.70 -5.30
CA ILE A 107 10.10 -13.88 -4.76
C ILE A 107 8.74 -14.46 -5.13
N ASN A 108 8.53 -14.72 -6.41
CA ASN A 108 7.28 -15.32 -6.86
C ASN A 108 6.98 -16.64 -6.18
N ASN A 109 8.04 -17.38 -5.86
CA ASN A 109 7.92 -18.68 -5.24
C ASN A 109 7.35 -18.60 -3.84
N ILE A 110 7.87 -17.67 -3.06
CA ILE A 110 7.46 -17.48 -1.68
C ILE A 110 6.05 -16.90 -1.66
N HIS A 111 5.77 -16.01 -2.60
CA HIS A 111 4.44 -15.47 -2.76
C HIS A 111 3.43 -16.53 -3.08
N LEU A 112 3.78 -17.41 -4.02
CA LEU A 112 2.90 -18.52 -4.39
C LEU A 112 2.61 -19.41 -3.19
N THR A 113 3.64 -19.75 -2.42
CA THR A 113 3.50 -20.56 -1.22
C THR A 113 2.63 -19.88 -0.16
N HIS A 114 3.06 -18.70 0.28
CA HIS A 114 2.29 -17.84 1.18
C HIS A 114 0.82 -17.83 0.84
N SER A 115 0.51 -17.47 -0.41
CA SER A 115 -0.87 -17.39 -0.89
C SER A 115 -1.74 -18.55 -0.39
N LEU A 116 -1.21 -19.77 -0.46
CA LEU A 116 -1.93 -20.95 0.06
C LEU A 116 -1.56 -21.23 1.52
N GLU A 117 -2.06 -20.37 2.43
CA GLU A 117 -1.93 -20.57 3.88
C GLU A 117 -3.22 -20.13 4.57
N THR B 22 20.40 -14.91 -12.77
CA THR B 22 20.13 -13.46 -12.58
C THR B 22 18.68 -13.15 -13.00
N ASN B 23 18.32 -11.87 -13.08
CA ASN B 23 16.98 -11.44 -13.46
C ASN B 23 16.82 -11.28 -14.98
N LEU B 24 17.21 -12.30 -15.74
CA LEU B 24 17.11 -12.25 -17.20
C LEU B 24 15.73 -12.74 -17.64
N PRO B 25 15.11 -12.04 -18.60
CA PRO B 25 13.73 -12.33 -19.00
C PRO B 25 13.58 -13.72 -19.61
N ARG B 26 12.42 -14.32 -19.42
CA ARG B 26 12.22 -15.70 -19.83
C ARG B 26 12.09 -15.85 -21.35
N ASN B 27 11.36 -14.93 -21.96
CA ASN B 27 11.16 -14.93 -23.42
C ASN B 27 11.59 -13.60 -24.04
N PRO B 28 12.90 -13.45 -24.33
CA PRO B 28 13.43 -12.19 -24.89
C PRO B 28 12.89 -11.83 -26.27
N SER B 29 12.32 -12.80 -26.99
CA SER B 29 11.63 -12.54 -28.27
C SER B 29 10.51 -11.53 -28.08
N MET B 30 9.75 -11.71 -27.00
CA MET B 30 8.58 -10.89 -26.71
C MET B 30 8.90 -9.67 -25.84
N ALA B 31 10.19 -9.35 -25.70
CA ALA B 31 10.62 -8.14 -25.00
C ALA B 31 10.14 -6.87 -25.71
N ASP B 32 10.14 -6.91 -27.04
CA ASP B 32 9.64 -5.79 -27.85
C ASP B 32 8.11 -5.72 -27.81
N TYR B 33 7.58 -4.54 -27.50
CA TYR B 33 6.12 -4.33 -27.37
C TYR B 33 5.35 -4.72 -28.64
N GLU B 34 5.82 -4.25 -29.78
CA GLU B 34 5.14 -4.47 -31.05
C GLU B 34 5.01 -5.97 -31.37
N ALA B 35 5.96 -6.76 -30.87
CA ALA B 35 5.93 -8.21 -31.03
C ALA B 35 4.83 -8.85 -30.20
N ARG B 36 4.62 -8.32 -29.00
CA ARG B 36 3.59 -8.85 -28.10
C ARG B 36 2.22 -8.59 -28.68
N ILE B 37 1.93 -7.31 -28.91
CA ILE B 37 0.63 -6.89 -29.47
C ILE B 37 0.25 -7.70 -30.71
N PHE B 38 1.25 -8.11 -31.48
CA PHE B 38 1.06 -8.94 -32.68
C PHE B 38 0.43 -10.30 -32.37
N THR B 39 0.70 -10.85 -31.18
CA THR B 39 0.18 -12.18 -30.81
C THR B 39 -1.33 -12.15 -30.54
N PHE B 40 -1.87 -10.97 -30.28
CA PHE B 40 -3.33 -10.79 -30.14
C PHE B 40 -3.94 -10.53 -31.53
N GLY B 41 -3.92 -11.55 -32.38
CA GLY B 41 -4.43 -11.43 -33.75
C GLY B 41 -5.91 -11.79 -33.81
N THR B 42 -6.76 -10.76 -33.71
CA THR B 42 -8.20 -10.94 -33.46
C THR B 42 -8.39 -11.67 -32.13
N TRP B 43 -8.44 -10.87 -31.06
CA TRP B 43 -8.56 -11.37 -29.70
C TRP B 43 -9.95 -11.05 -29.25
N ILE B 44 -10.74 -12.10 -29.00
CA ILE B 44 -12.19 -11.94 -28.81
C ILE B 44 -12.63 -11.55 -27.39
N TYR B 45 -11.72 -11.65 -26.42
CA TYR B 45 -12.07 -11.46 -25.02
C TYR B 45 -12.13 -9.99 -24.64
N SER B 46 -12.80 -9.71 -23.52
CA SER B 46 -13.19 -8.35 -23.17
C SER B 46 -12.02 -7.48 -22.69
N VAL B 47 -11.05 -8.08 -22.01
CA VAL B 47 -9.90 -7.30 -21.51
C VAL B 47 -9.11 -6.71 -22.67
N ASN B 48 -8.83 -5.41 -22.55
CA ASN B 48 -8.20 -4.62 -23.59
C ASN B 48 -6.85 -5.19 -24.00
N LYS B 49 -6.77 -5.69 -25.23
CA LYS B 49 -5.52 -6.24 -25.76
C LYS B 49 -4.38 -5.22 -25.69
N GLU B 50 -4.70 -3.97 -25.96
CA GLU B 50 -3.69 -2.91 -26.03
C GLU B 50 -3.03 -2.76 -24.65
N GLN B 51 -3.86 -2.72 -23.60
CA GLN B 51 -3.35 -2.63 -22.23
C GLN B 51 -2.60 -3.87 -21.77
N LEU B 52 -3.07 -5.04 -22.18
CA LEU B 52 -2.40 -6.32 -21.87
C LEU B 52 -0.94 -6.33 -22.32
N ALA B 53 -0.68 -5.84 -23.53
CA ALA B 53 0.68 -5.80 -24.07
C ALA B 53 1.55 -4.73 -23.40
N ARG B 54 0.94 -3.68 -22.87
CA ARG B 54 1.66 -2.68 -22.08
C ARG B 54 2.18 -3.33 -20.82
N ALA B 55 1.32 -4.12 -20.17
CA ALA B 55 1.65 -4.79 -18.91
C ALA B 55 2.62 -5.96 -19.10
N GLY B 56 2.97 -6.25 -20.35
CA GLY B 56 4.07 -7.17 -20.66
C GLY B 56 3.61 -8.58 -21.00
N PHE B 57 2.33 -8.72 -21.31
CA PHE B 57 1.75 -10.02 -21.65
C PHE B 57 1.61 -10.25 -23.16
N TYR B 58 1.55 -11.51 -23.54
CA TYR B 58 1.19 -11.92 -24.90
C TYR B 58 0.29 -13.14 -24.89
N ALA B 59 -0.52 -13.28 -25.94
CA ALA B 59 -1.49 -14.37 -26.05
C ALA B 59 -0.79 -15.69 -26.31
N LEU B 60 -1.55 -16.78 -26.25
CA LEU B 60 -1.01 -18.11 -26.52
C LEU B 60 -1.74 -18.80 -27.65
N GLY B 61 -3.06 -18.88 -27.52
CA GLY B 61 -3.89 -19.60 -28.49
C GLY B 61 -4.75 -20.69 -27.87
N GLU B 62 -4.68 -20.83 -26.54
CA GLU B 62 -5.58 -21.71 -25.81
C GLU B 62 -6.34 -20.90 -24.74
N GLY B 63 -7.58 -20.54 -25.07
CA GLY B 63 -8.41 -19.73 -24.19
C GLY B 63 -7.89 -18.32 -24.09
N ASP B 64 -8.24 -17.61 -23.03
CA ASP B 64 -7.71 -16.28 -22.77
C ASP B 64 -6.39 -16.31 -21.98
N LYS B 65 -5.57 -17.33 -22.22
CA LYS B 65 -4.29 -17.48 -21.51
C LYS B 65 -3.27 -16.50 -22.07
N VAL B 66 -2.48 -15.92 -21.17
CA VAL B 66 -1.37 -15.03 -21.54
C VAL B 66 -0.21 -15.28 -20.59
N LYS B 67 0.94 -14.68 -20.90
CA LYS B 67 2.13 -14.79 -20.07
C LYS B 67 2.94 -13.50 -20.15
N CYS B 68 3.59 -13.13 -19.04
CA CYS B 68 4.56 -12.02 -19.06
C CYS B 68 5.84 -12.47 -19.76
N PHE B 69 6.38 -11.62 -20.63
CA PHE B 69 7.61 -11.94 -21.36
C PHE B 69 8.81 -12.08 -20.42
N HIS B 70 8.75 -11.40 -19.28
CA HIS B 70 9.89 -11.29 -18.39
C HIS B 70 9.86 -12.30 -17.29
N CYS B 71 8.78 -12.32 -16.50
CA CYS B 71 8.69 -13.23 -15.36
C CYS B 71 8.11 -14.59 -15.70
N GLY B 72 7.39 -14.68 -16.82
CA GLY B 72 6.84 -15.95 -17.29
C GLY B 72 5.53 -16.39 -16.64
N GLY B 73 4.97 -15.56 -15.77
CA GLY B 73 3.75 -15.90 -15.04
C GLY B 73 2.52 -15.83 -15.91
N GLY B 74 1.73 -16.89 -15.91
CA GLY B 74 0.55 -16.96 -16.76
C GLY B 74 -0.74 -16.62 -16.02
N LEU B 75 -1.65 -15.92 -16.71
CA LEU B 75 -2.98 -15.58 -16.19
C LEU B 75 -4.11 -15.98 -17.18
N THR B 76 -5.27 -16.34 -16.63
CA THR B 76 -6.40 -16.89 -17.40
C THR B 76 -7.74 -16.54 -16.75
N ASP B 77 -8.82 -16.66 -17.53
CA ASP B 77 -10.18 -16.32 -17.07
C ASP B 77 -10.32 -14.88 -16.54
N TRP B 78 -10.29 -13.91 -17.46
CA TRP B 78 -10.43 -12.50 -17.11
C TRP B 78 -11.86 -12.08 -17.00
N LYS B 79 -12.19 -11.36 -15.92
CA LYS B 79 -13.49 -10.68 -15.83
C LYS B 79 -13.40 -9.42 -16.70
N PRO B 80 -14.54 -8.95 -17.22
CA PRO B 80 -14.58 -7.83 -18.16
C PRO B 80 -13.55 -6.71 -17.96
N SER B 81 -13.65 -5.94 -16.87
CA SER B 81 -12.91 -4.67 -16.77
C SER B 81 -11.69 -4.73 -15.84
N GLU B 82 -11.16 -5.91 -15.58
CA GLU B 82 -9.98 -6.06 -14.74
C GLU B 82 -8.77 -5.42 -15.39
N ASP B 83 -7.82 -4.97 -14.58
CA ASP B 83 -6.61 -4.32 -15.09
C ASP B 83 -5.45 -5.31 -15.15
N PRO B 84 -4.81 -5.46 -16.32
CA PRO B 84 -3.67 -6.37 -16.44
C PRO B 84 -2.55 -6.07 -15.45
N TRP B 85 -2.21 -4.80 -15.29
CA TRP B 85 -1.17 -4.39 -14.36
C TRP B 85 -1.49 -4.82 -12.96
N GLU B 86 -2.73 -4.61 -12.53
CA GLU B 86 -3.12 -4.99 -11.17
C GLU B 86 -2.97 -6.50 -11.01
N GLN B 87 -3.45 -7.27 -11.98
CA GLN B 87 -3.34 -8.73 -11.90
C GLN B 87 -1.88 -9.21 -11.93
N HIS B 88 -1.09 -8.67 -12.85
CA HIS B 88 0.36 -8.95 -12.92
C HIS B 88 1.00 -8.79 -11.55
N ALA B 89 0.73 -7.65 -10.89
CA ALA B 89 1.23 -7.39 -9.54
C ALA B 89 0.66 -8.33 -8.51
N LYS B 90 -0.62 -8.68 -8.67
CA LYS B 90 -1.33 -9.47 -7.67
C LYS B 90 -0.74 -10.84 -7.53
N TRP B 91 -0.50 -11.50 -8.65
CA TRP B 91 -0.07 -12.89 -8.64
C TRP B 91 1.39 -13.06 -8.84
N TYR B 92 2.03 -12.11 -9.52
CA TYR B 92 3.47 -12.18 -9.78
C TYR B 92 4.19 -10.87 -9.46
N PRO B 93 4.28 -10.53 -8.16
CA PRO B 93 4.91 -9.27 -7.71
C PRO B 93 6.44 -9.18 -7.93
N GLY B 94 7.10 -10.31 -8.18
CA GLY B 94 8.55 -10.36 -8.32
C GLY B 94 9.13 -10.05 -9.69
N CYS B 95 8.28 -9.75 -10.67
CA CYS B 95 8.74 -9.41 -12.03
C CYS B 95 9.58 -8.13 -12.07
N LYS B 96 10.72 -8.17 -12.76
CA LYS B 96 11.55 -6.97 -12.93
C LYS B 96 10.92 -5.97 -13.89
N TYR B 97 10.27 -6.46 -14.95
CA TYR B 97 9.62 -5.56 -15.89
C TYR B 97 8.52 -4.76 -15.19
N LEU B 98 7.79 -5.44 -14.31
CA LEU B 98 6.75 -4.83 -13.52
C LEU B 98 7.34 -3.79 -12.59
N LEU B 99 8.43 -4.15 -11.93
CA LEU B 99 9.05 -3.26 -10.95
C LEU B 99 9.57 -1.99 -11.62
N GLU B 100 10.29 -2.15 -12.74
CA GLU B 100 10.80 -1.00 -13.49
C GLU B 100 9.66 -0.10 -13.97
N GLN B 101 8.55 -0.71 -14.39
CA GLN B 101 7.42 0.05 -14.96
C GLN B 101 6.51 0.67 -13.90
N LYS B 102 6.20 -0.08 -12.84
CA LYS B 102 5.22 0.37 -11.83
C LYS B 102 5.80 0.74 -10.46
N GLY B 103 6.94 0.16 -10.10
CA GLY B 103 7.65 0.55 -8.88
C GLY B 103 7.25 -0.17 -7.59
N GLN B 104 8.06 0.03 -6.56
CA GLN B 104 7.91 -0.61 -5.25
C GLN B 104 6.54 -0.39 -4.63
N GLU B 105 6.18 0.87 -4.43
CA GLU B 105 4.94 1.20 -3.74
C GLU B 105 3.74 0.49 -4.38
N TYR B 106 3.59 0.64 -5.70
CA TYR B 106 2.52 -0.01 -6.42
C TYR B 106 2.43 -1.49 -6.10
N ILE B 107 3.55 -2.19 -6.23
CA ILE B 107 3.56 -3.64 -6.06
C ILE B 107 3.22 -4.05 -4.63
N ASN B 108 3.86 -3.41 -3.67
CA ASN B 108 3.63 -3.71 -2.26
C ASN B 108 2.21 -3.34 -1.83
N ASN B 109 1.67 -2.29 -2.45
CA ASN B 109 0.33 -1.79 -2.10
C ASN B 109 -0.76 -2.78 -2.51
N ILE B 110 -0.61 -3.31 -3.73
CA ILE B 110 -1.50 -4.34 -4.23
C ILE B 110 -1.32 -5.65 -3.45
N HIS B 111 -0.09 -5.95 -3.04
CA HIS B 111 0.15 -7.17 -2.30
C HIS B 111 -0.47 -7.11 -0.95
N LEU B 112 -0.27 -6.00 -0.25
CA LEU B 112 -0.86 -5.87 1.08
C LEU B 112 -2.40 -5.69 1.03
N THR B 113 -2.97 -5.67 -0.17
CA THR B 113 -4.43 -5.59 -0.36
C THR B 113 -5.00 -6.98 -0.63
N HIS B 114 -4.47 -7.63 -1.67
CA HIS B 114 -4.66 -9.07 -1.90
C HIS B 114 -4.56 -9.88 -0.64
N SER B 115 -3.59 -9.56 0.23
CA SER B 115 -3.45 -10.21 1.53
C SER B 115 -4.74 -10.15 2.36
N LEU B 116 -5.33 -8.95 2.45
CA LEU B 116 -6.56 -8.76 3.21
C LEU B 116 -7.76 -9.38 2.50
N GLU B 117 -7.87 -10.71 2.53
CA GLU B 117 -8.98 -11.44 1.91
C GLU B 117 -9.46 -12.59 2.79
N THR C 22 -29.32 38.70 11.64
CA THR C 22 -29.14 37.32 12.18
C THR C 22 -27.68 36.85 11.96
N ASN C 23 -27.20 36.98 10.73
CA ASN C 23 -25.78 36.77 10.41
C ASN C 23 -25.27 37.89 9.52
N LEU C 24 -25.84 39.10 9.68
CA LEU C 24 -25.39 40.25 8.91
C LEU C 24 -24.02 40.68 9.41
N PRO C 25 -23.20 41.29 8.54
CA PRO C 25 -21.92 41.81 8.99
C PRO C 25 -22.07 42.84 10.12
N ARG C 26 -21.18 42.76 11.10
CA ARG C 26 -21.18 43.71 12.21
C ARG C 26 -20.84 45.12 11.78
N ASN C 27 -19.82 45.24 10.94
CA ASN C 27 -19.41 46.55 10.43
C ASN C 27 -19.47 46.59 8.90
N PRO C 28 -20.67 46.85 8.34
CA PRO C 28 -20.86 47.02 6.89
C PRO C 28 -19.90 48.00 6.22
N SER C 29 -19.43 49.00 6.96
CA SER C 29 -18.48 49.99 6.45
C SER C 29 -17.21 49.34 5.94
N MET C 30 -16.67 48.42 6.72
CA MET C 30 -15.46 47.69 6.34
C MET C 30 -15.77 46.35 5.64
N ALA C 31 -16.90 46.27 4.95
CA ALA C 31 -17.25 45.07 4.17
C ALA C 31 -16.37 44.89 2.93
N ASP C 32 -15.98 46.00 2.30
CA ASP C 32 -15.10 45.93 1.12
C ASP C 32 -13.64 45.81 1.52
N TYR C 33 -12.94 44.94 0.81
CA TYR C 33 -11.51 44.79 0.98
C TYR C 33 -10.77 46.13 0.86
N GLU C 34 -11.13 46.91 -0.17
CA GLU C 34 -10.50 48.21 -0.43
C GLU C 34 -10.48 49.06 0.86
N ALA C 35 -11.63 49.17 1.50
CA ALA C 35 -11.77 49.92 2.74
C ALA C 35 -10.84 49.39 3.83
N ARG C 36 -10.79 48.08 3.99
CA ARG C 36 -9.98 47.47 5.05
C ARG C 36 -8.50 47.79 4.86
N ILE C 37 -7.98 47.52 3.67
CA ILE C 37 -6.56 47.71 3.38
C ILE C 37 -6.12 49.16 3.53
N PHE C 38 -7.06 50.08 3.34
CA PHE C 38 -6.76 51.51 3.55
C PHE C 38 -6.46 51.82 5.02
N THR C 39 -7.12 51.14 5.95
CA THR C 39 -6.85 51.35 7.37
C THR C 39 -5.42 50.95 7.79
N PHE C 40 -4.72 50.22 6.92
CA PHE C 40 -3.34 49.77 7.17
C PHE C 40 -2.28 50.69 6.55
N GLY C 41 -2.61 51.97 6.39
CA GLY C 41 -1.67 52.96 5.85
C GLY C 41 -0.60 53.43 6.84
N THR C 42 -0.80 53.14 8.12
CA THR C 42 0.14 53.51 9.17
C THR C 42 0.83 52.26 9.78
N TRP C 43 0.57 51.11 9.17
CA TRP C 43 1.00 49.81 9.70
C TRP C 43 2.50 49.70 9.73
N ILE C 44 3.05 49.36 10.90
CA ILE C 44 4.49 49.22 11.11
C ILE C 44 4.91 47.81 11.52
N TYR C 45 3.94 46.90 11.62
CA TYR C 45 4.18 45.56 12.14
C TYR C 45 4.38 44.56 11.01
N SER C 46 5.05 43.45 11.32
CA SER C 46 5.47 42.51 10.29
C SER C 46 4.46 41.38 10.03
N VAL C 47 3.24 41.49 10.57
CA VAL C 47 2.12 40.72 10.00
C VAL C 47 1.67 41.41 8.71
N ASN C 48 1.62 40.66 7.62
CA ASN C 48 1.34 41.21 6.29
C ASN C 48 -0.04 41.82 6.24
N LYS C 49 -0.13 43.05 5.74
CA LYS C 49 -1.37 43.80 5.78
C LYS C 49 -2.38 43.30 4.75
N GLU C 50 -1.89 42.83 3.61
CA GLU C 50 -2.77 42.25 2.59
C GLU C 50 -3.48 41.06 3.20
N GLN C 51 -2.70 40.14 3.76
CA GLN C 51 -3.24 38.93 4.37
C GLN C 51 -4.30 39.27 5.42
N LEU C 52 -4.04 40.30 6.23
CA LEU C 52 -4.98 40.71 7.28
C LEU C 52 -6.31 41.15 6.70
N ALA C 53 -6.26 42.07 5.74
CA ALA C 53 -7.46 42.59 5.10
C ALA C 53 -8.25 41.47 4.40
N ARG C 54 -7.54 40.59 3.70
CA ARG C 54 -8.16 39.46 3.01
C ARG C 54 -8.89 38.57 3.99
N ALA C 55 -8.33 38.42 5.20
CA ALA C 55 -8.93 37.58 6.24
C ALA C 55 -10.08 38.27 6.99
N GLY C 56 -10.37 39.51 6.65
CA GLY C 56 -11.52 40.23 7.18
C GLY C 56 -11.20 41.36 8.13
N PHE C 57 -9.90 41.57 8.40
CA PHE C 57 -9.48 42.47 9.46
C PHE C 57 -9.14 43.85 8.97
N TYR C 58 -9.48 44.85 9.79
CA TYR C 58 -9.06 46.22 9.58
C TYR C 58 -8.38 46.69 10.84
N ALA C 59 -7.42 47.60 10.71
CA ALA C 59 -6.65 48.09 11.85
C ALA C 59 -7.44 49.15 12.60
N LEU C 60 -7.18 49.25 13.91
CA LEU C 60 -7.94 50.15 14.79
C LEU C 60 -7.18 51.41 15.16
N GLY C 61 -5.96 51.56 14.66
CA GLY C 61 -5.17 52.77 14.88
C GLY C 61 -4.52 52.83 16.27
N GLU C 62 -4.58 51.72 17.01
CA GLU C 62 -3.96 51.66 18.34
C GLU C 62 -3.24 50.31 18.50
N GLY C 63 -1.91 50.37 18.54
CA GLY C 63 -1.07 49.18 18.57
C GLY C 63 -1.26 48.38 17.30
N ASP C 64 -1.17 47.06 17.41
CA ASP C 64 -1.45 46.17 16.28
C ASP C 64 -2.84 45.54 16.42
N LYS C 65 -3.75 46.27 17.08
CA LYS C 65 -5.14 45.82 17.24
C LYS C 65 -5.88 45.81 15.90
N VAL C 66 -6.42 44.65 15.53
CA VAL C 66 -7.31 44.58 14.37
C VAL C 66 -8.61 43.88 14.75
N LYS C 67 -9.66 44.12 13.97
CA LYS C 67 -11.01 43.61 14.23
C LYS C 67 -11.60 43.06 12.95
N CYS C 68 -12.30 41.94 13.02
CA CYS C 68 -12.96 41.38 11.83
C CYS C 68 -14.21 42.19 11.52
N PHE C 69 -14.35 42.61 10.27
CA PHE C 69 -15.51 43.40 9.89
C PHE C 69 -16.84 42.66 10.09
N HIS C 70 -16.80 41.32 10.05
CA HIS C 70 -18.03 40.55 10.03
C HIS C 70 -18.47 40.14 11.40
N CYS C 71 -17.63 39.40 12.11
CA CYS C 71 -17.99 38.87 13.43
C CYS C 71 -17.62 39.83 14.55
N GLY C 72 -16.71 40.75 14.27
CA GLY C 72 -16.29 41.74 15.26
C GLY C 72 -15.11 41.27 16.09
N GLY C 73 -14.55 40.12 15.75
CA GLY C 73 -13.47 39.51 16.51
C GLY C 73 -12.22 40.37 16.51
N GLY C 74 -11.67 40.63 17.69
CA GLY C 74 -10.47 41.44 17.83
C GLY C 74 -9.26 40.60 18.19
N LEU C 75 -8.16 40.83 17.48
CA LEU C 75 -6.89 40.16 17.75
C LEU C 75 -5.79 41.20 17.85
N THR C 76 -4.84 40.96 18.74
CA THR C 76 -3.72 41.87 18.96
C THR C 76 -2.49 41.06 19.36
N ASP C 77 -1.37 41.75 19.50
CA ASP C 77 -0.08 41.12 19.82
C ASP C 77 0.29 39.98 18.86
N TRP C 78 0.38 40.32 17.58
CA TRP C 78 0.76 39.38 16.53
C TRP C 78 2.24 39.05 16.57
N LYS C 79 2.56 37.84 16.14
CA LYS C 79 3.94 37.43 15.96
C LYS C 79 4.32 37.63 14.49
N PRO C 80 5.62 37.84 14.21
CA PRO C 80 6.16 38.23 12.91
C PRO C 80 5.66 37.51 11.65
N SER C 81 5.25 36.24 11.76
CA SER C 81 4.76 35.53 10.57
C SER C 81 3.32 35.06 10.62
N GLU C 82 2.73 35.01 11.83
CA GLU C 82 1.37 34.50 12.04
C GLU C 82 0.37 34.70 10.89
N ASP C 83 -0.37 33.63 10.62
CA ASP C 83 -1.38 33.60 9.58
C ASP C 83 -2.71 34.16 10.12
N PRO C 84 -3.25 35.21 9.50
CA PRO C 84 -4.50 35.80 10.03
C PRO C 84 -5.70 34.86 9.98
N TRP C 85 -5.82 34.09 8.90
CA TRP C 85 -6.92 33.13 8.78
C TRP C 85 -6.92 32.14 9.91
N GLU C 86 -5.75 31.61 10.19
CA GLU C 86 -5.55 30.66 11.28
C GLU C 86 -5.99 31.30 12.60
N GLN C 87 -5.49 32.49 12.88
CA GLN C 87 -5.85 33.19 14.10
C GLN C 87 -7.35 33.48 14.18
N HIS C 88 -7.95 33.82 13.03
CA HIS C 88 -9.39 34.03 12.94
C HIS C 88 -10.13 32.79 13.36
N ALA C 89 -9.79 31.65 12.74
CA ALA C 89 -10.48 30.37 13.04
C ALA C 89 -10.25 29.90 14.47
N LYS C 90 -9.07 30.19 15.02
CA LYS C 90 -8.72 29.77 16.35
C LYS C 90 -9.62 30.42 17.40
N TRP C 91 -9.93 31.70 17.19
CA TRP C 91 -10.60 32.49 18.22
C TRP C 91 -12.02 32.84 17.93
N TYR C 92 -12.40 32.92 16.66
CA TYR C 92 -13.76 33.27 16.29
C TYR C 92 -14.28 32.42 15.14
N PRO C 93 -14.46 31.12 15.38
CA PRO C 93 -14.84 30.17 14.34
C PRO C 93 -16.27 30.34 13.83
N GLY C 94 -17.10 31.02 14.62
CA GLY C 94 -18.45 31.35 14.20
C GLY C 94 -18.58 32.36 13.06
N CYS C 95 -17.52 33.08 12.75
CA CYS C 95 -17.59 34.14 11.72
C CYS C 95 -18.14 33.65 10.38
N LYS C 96 -19.30 34.17 9.98
CA LYS C 96 -19.94 33.84 8.70
C LYS C 96 -19.00 34.07 7.52
N TYR C 97 -18.29 35.20 7.55
CA TYR C 97 -17.30 35.51 6.53
C TYR C 97 -16.20 34.45 6.45
N LEU C 98 -15.73 34.00 7.61
CA LEU C 98 -14.74 32.92 7.70
C LEU C 98 -15.26 31.64 7.02
N LEU C 99 -16.49 31.27 7.34
CA LEU C 99 -17.13 30.07 6.79
C LEU C 99 -17.31 30.13 5.29
N GLU C 100 -17.63 31.32 4.76
CA GLU C 100 -17.85 31.49 3.34
C GLU C 100 -16.55 31.41 2.54
N GLN C 101 -15.46 31.95 3.10
CA GLN C 101 -14.16 32.02 2.41
C GLN C 101 -13.35 30.75 2.52
N LYS C 102 -13.50 30.03 3.62
CA LYS C 102 -12.61 28.93 3.93
C LYS C 102 -13.30 27.58 4.06
N GLY C 103 -14.57 27.56 4.44
CA GLY C 103 -15.30 26.31 4.63
C GLY C 103 -15.17 25.70 6.01
N GLN C 104 -16.06 24.75 6.29
CA GLN C 104 -16.19 24.15 7.62
C GLN C 104 -14.99 23.29 7.98
N GLU C 105 -14.44 22.58 7.00
CA GLU C 105 -13.31 21.71 7.26
C GLU C 105 -12.10 22.51 7.74
N TYR C 106 -11.78 23.60 7.06
CA TYR C 106 -10.66 24.41 7.51
C TYR C 106 -10.86 24.88 8.96
N ILE C 107 -12.07 25.35 9.28
CA ILE C 107 -12.36 25.85 10.62
C ILE C 107 -12.21 24.74 11.65
N ASN C 108 -12.87 23.62 11.41
CA ASN C 108 -12.85 22.50 12.33
C ASN C 108 -11.46 21.85 12.50
N ASN C 109 -10.69 21.80 11.42
CA ASN C 109 -9.28 21.35 11.50
C ASN C 109 -8.43 22.23 12.45
N ILE C 110 -8.58 23.55 12.34
CA ILE C 110 -7.86 24.45 13.23
C ILE C 110 -8.36 24.30 14.66
N HIS C 111 -9.68 24.24 14.84
CA HIS C 111 -10.25 24.11 16.18
C HIS C 111 -9.76 22.85 16.83
N LEU C 112 -9.89 21.71 16.14
CA LEU C 112 -9.40 20.42 16.65
C LEU C 112 -7.92 20.45 17.05
N THR C 113 -7.12 21.17 16.28
CA THR C 113 -5.66 21.13 16.40
C THR C 113 -5.11 22.01 17.55
N HIS C 114 -5.70 23.18 17.74
CA HIS C 114 -5.27 24.06 18.83
C HIS C 114 -6.13 23.91 20.06
N SER C 115 -6.81 22.76 20.18
CA SER C 115 -7.68 22.47 21.32
C SER C 115 -6.89 21.80 22.44
N LEU C 116 -6.24 20.68 22.12
CA LEU C 116 -5.40 19.96 23.10
C LEU C 116 -3.96 20.51 23.17
N GLU C 117 -3.61 21.40 22.24
CA GLU C 117 -2.37 22.16 22.35
C GLU C 117 -2.46 23.13 23.53
N GLU C 118 -3.64 23.75 23.70
CA GLU C 118 -3.96 24.53 24.90
C GLU C 118 -4.71 23.69 25.92
N THR D 22 -8.88 26.16 -5.23
CA THR D 22 -9.51 25.39 -4.13
C THR D 22 -8.45 24.64 -3.32
N ASN D 23 -7.60 23.88 -4.01
CA ASN D 23 -6.43 23.20 -3.41
C ASN D 23 -5.15 24.00 -3.63
N LEU D 24 -5.21 25.30 -3.33
CA LEU D 24 -4.07 26.21 -3.55
C LEU D 24 -3.19 26.25 -2.30
N PRO D 25 -1.88 26.48 -2.48
CA PRO D 25 -0.95 26.40 -1.36
C PRO D 25 -1.29 27.41 -0.27
N ARG D 26 -1.20 26.99 0.99
CA ARG D 26 -1.53 27.85 2.13
C ARG D 26 -0.53 29.00 2.32
N ASN D 27 0.75 28.73 2.04
CA ASN D 27 1.81 29.74 2.14
C ASN D 27 2.63 29.80 0.84
N PRO D 28 2.09 30.48 -0.18
CA PRO D 28 2.77 30.60 -1.47
C PRO D 28 4.17 31.22 -1.45
N SER D 29 4.50 31.97 -0.39
CA SER D 29 5.86 32.53 -0.22
C SER D 29 6.90 31.43 -0.02
N MET D 30 6.48 30.33 0.61
CA MET D 30 7.36 29.20 0.88
C MET D 30 7.24 28.11 -0.19
N ALA D 31 6.67 28.45 -1.35
CA ALA D 31 6.64 27.53 -2.49
C ALA D 31 8.05 27.27 -2.99
N ASP D 32 8.87 28.32 -2.98
CA ASP D 32 10.27 28.24 -3.38
C ASP D 32 11.05 27.43 -2.35
N TYR D 33 11.81 26.45 -2.83
CA TYR D 33 12.71 25.66 -1.98
C TYR D 33 13.76 26.52 -1.29
N GLU D 34 14.31 27.50 -2.01
CA GLU D 34 15.28 28.43 -1.43
C GLU D 34 14.71 29.08 -0.18
N ALA D 35 13.50 29.64 -0.32
CA ALA D 35 12.84 30.34 0.78
C ALA D 35 12.70 29.44 2.01
N ARG D 36 12.39 28.17 1.79
CA ARG D 36 12.19 27.23 2.89
C ARG D 36 13.49 26.94 3.65
N ILE D 37 14.55 26.62 2.92
CA ILE D 37 15.83 26.27 3.53
C ILE D 37 16.40 27.42 4.39
N PHE D 38 16.13 28.66 3.97
CA PHE D 38 16.55 29.83 4.72
C PHE D 38 15.96 29.86 6.14
N THR D 39 14.75 29.35 6.30
CA THR D 39 14.09 29.35 7.62
C THR D 39 14.87 28.52 8.66
N PHE D 40 15.62 27.52 8.21
CA PHE D 40 16.41 26.68 9.11
C PHE D 40 17.79 27.29 9.42
N GLY D 41 17.83 28.60 9.67
CA GLY D 41 19.06 29.33 9.95
C GLY D 41 19.68 28.87 11.26
N THR D 42 20.54 27.86 11.13
CA THR D 42 21.06 27.10 12.27
C THR D 42 19.93 26.29 12.93
N TRP D 43 19.88 25.02 12.58
CA TRP D 43 18.88 24.08 13.08
C TRP D 43 19.56 23.14 14.03
N ILE D 44 19.21 23.24 15.30
CA ILE D 44 19.87 22.50 16.38
C ILE D 44 19.51 21.00 16.44
N TYR D 45 18.41 20.64 15.78
CA TYR D 45 17.83 19.31 15.92
C TYR D 45 18.45 18.35 14.90
N SER D 46 18.27 17.05 15.12
CA SER D 46 18.95 16.04 14.31
C SER D 46 18.33 15.88 12.92
N VAL D 47 17.01 15.97 12.80
CA VAL D 47 16.37 15.81 11.48
C VAL D 47 16.91 16.87 10.53
N ASN D 48 17.26 16.41 9.33
CA ASN D 48 18.01 17.18 8.39
C ASN D 48 17.19 18.30 7.74
N LYS D 49 17.79 19.48 7.65
CA LYS D 49 17.07 20.65 7.13
C LYS D 49 16.69 20.50 5.66
N GLU D 50 17.58 19.91 4.86
CA GLU D 50 17.30 19.72 3.43
C GLU D 50 16.06 18.84 3.23
N GLN D 51 16.03 17.67 3.84
CA GLN D 51 14.87 16.78 3.64
C GLN D 51 13.59 17.35 4.22
N LEU D 52 13.69 18.13 5.30
CA LEU D 52 12.52 18.87 5.80
C LEU D 52 12.03 19.85 4.75
N ALA D 53 12.96 20.65 4.20
CA ALA D 53 12.63 21.64 3.16
C ALA D 53 12.08 20.97 1.92
N ARG D 54 12.76 19.91 1.50
CA ARG D 54 12.37 19.14 0.32
C ARG D 54 10.95 18.55 0.50
N ALA D 55 10.65 18.07 1.72
CA ALA D 55 9.33 17.52 2.03
C ALA D 55 8.23 18.56 2.11
N GLY D 56 8.60 19.84 2.03
CA GLY D 56 7.63 20.93 2.02
C GLY D 56 7.73 21.86 3.22
N PHE D 57 8.46 21.46 4.24
CA PHE D 57 8.40 22.15 5.53
C PHE D 57 9.31 23.34 5.65
N TYR D 58 8.88 24.30 6.48
CA TYR D 58 9.73 25.41 6.89
C TYR D 58 9.58 25.64 8.40
N ALA D 59 10.68 26.02 9.05
CA ALA D 59 10.68 26.27 10.49
C ALA D 59 9.96 27.56 10.80
N LEU D 60 9.41 27.65 12.00
CA LEU D 60 8.64 28.82 12.43
C LEU D 60 9.44 29.77 13.32
N GLY D 61 10.29 29.23 14.18
CA GLY D 61 11.06 30.04 15.12
C GLY D 61 10.92 29.62 16.57
N GLU D 62 9.97 28.72 16.85
CA GLU D 62 9.80 28.18 18.21
C GLU D 62 9.91 26.65 18.19
N GLY D 63 10.86 26.12 18.98
CA GLY D 63 11.12 24.69 19.06
C GLY D 63 11.53 24.16 17.70
N ASP D 64 11.08 22.94 17.40
CA ASP D 64 11.29 22.37 16.07
C ASP D 64 9.98 22.39 15.25
N LYS D 65 9.13 23.37 15.52
CA LYS D 65 7.82 23.45 14.88
C LYS D 65 7.96 23.89 13.43
N VAL D 66 7.53 23.03 12.51
CA VAL D 66 7.52 23.36 11.08
C VAL D 66 6.11 23.19 10.50
N LYS D 67 5.87 23.82 9.35
CA LYS D 67 4.60 23.72 8.64
C LYS D 67 4.88 23.39 7.18
N CYS D 68 4.05 22.57 6.56
CA CYS D 68 4.11 22.36 5.11
C CYS D 68 3.50 23.59 4.43
N PHE D 69 4.18 24.11 3.42
CA PHE D 69 3.72 25.31 2.73
C PHE D 69 2.41 25.11 1.97
N HIS D 70 2.07 23.87 1.65
CA HIS D 70 0.87 23.60 0.88
C HIS D 70 -0.31 23.30 1.77
N CYS D 71 -0.26 22.19 2.49
CA CYS D 71 -1.39 21.81 3.34
C CYS D 71 -1.44 22.66 4.62
N GLY D 72 -0.30 23.25 5.00
CA GLY D 72 -0.23 24.01 6.24
C GLY D 72 -0.16 23.17 7.50
N GLY D 73 0.02 21.86 7.34
CA GLY D 73 0.06 20.94 8.47
C GLY D 73 1.30 21.17 9.30
N GLY D 74 1.14 21.26 10.62
CA GLY D 74 2.25 21.48 11.53
C GLY D 74 2.75 20.18 12.14
N LEU D 75 4.05 20.09 12.34
CA LEU D 75 4.65 18.96 13.05
C LEU D 75 5.68 19.47 14.07
N THR D 76 5.88 18.72 15.14
CA THR D 76 6.77 19.12 16.20
C THR D 76 7.20 17.89 17.00
N ASP D 77 8.18 18.08 17.89
CA ASP D 77 8.75 17.00 18.67
C ASP D 77 9.25 15.89 17.77
N TRP D 78 10.18 16.25 16.90
CA TRP D 78 10.87 15.29 16.03
C TRP D 78 11.78 14.41 16.81
N LYS D 79 11.73 13.11 16.52
CA LYS D 79 12.69 12.16 17.07
C LYS D 79 13.90 12.15 16.15
N PRO D 80 15.07 11.71 16.66
CA PRO D 80 16.31 11.84 15.91
C PRO D 80 16.29 11.32 14.46
N SER D 81 16.09 10.03 14.26
CA SER D 81 16.33 9.41 12.93
C SER D 81 15.11 9.44 12.00
N GLU D 82 14.30 10.50 12.08
CA GLU D 82 13.00 10.50 11.41
C GLU D 82 13.04 11.01 9.98
N ASP D 83 12.00 10.61 9.23
CA ASP D 83 11.86 10.93 7.82
C ASP D 83 10.73 11.94 7.63
N PRO D 84 11.05 13.15 7.12
CA PRO D 84 10.04 14.19 6.95
C PRO D 84 8.88 13.77 6.05
N TRP D 85 9.18 13.03 4.99
CA TRP D 85 8.15 12.57 4.06
C TRP D 85 7.17 11.64 4.70
N GLU D 86 7.70 10.64 5.40
CA GLU D 86 6.88 9.67 6.13
C GLU D 86 5.97 10.37 7.15
N GLN D 87 6.51 11.37 7.83
CA GLN D 87 5.75 12.10 8.83
C GLN D 87 4.66 12.94 8.19
N HIS D 88 4.96 13.54 7.05
CA HIS D 88 3.94 14.29 6.29
C HIS D 88 2.79 13.41 5.91
N ALA D 89 3.09 12.20 5.41
CA ALA D 89 2.07 11.24 4.96
C ALA D 89 1.26 10.70 6.12
N LYS D 90 1.94 10.47 7.23
CA LYS D 90 1.32 9.87 8.39
C LYS D 90 0.23 10.77 8.99
N TRP D 91 0.46 12.08 8.99
CA TRP D 91 -0.42 13.02 9.66
C TRP D 91 -1.24 13.91 8.75
N TYR D 92 -0.73 14.17 7.54
CA TYR D 92 -1.46 15.00 6.59
C TYR D 92 -1.40 14.43 5.16
N PRO D 93 -2.09 13.30 4.93
CA PRO D 93 -2.03 12.69 3.59
C PRO D 93 -2.73 13.51 2.48
N GLY D 94 -3.46 14.56 2.88
CA GLY D 94 -4.25 15.35 1.94
C GLY D 94 -3.50 16.37 1.10
N CYS D 95 -2.20 16.48 1.30
CA CYS D 95 -1.38 17.46 0.58
C CYS D 95 -1.24 17.19 -0.93
N LYS D 96 -1.53 18.20 -1.74
CA LYS D 96 -1.33 18.14 -3.21
C LYS D 96 0.15 18.11 -3.51
N TYR D 97 0.93 18.78 -2.67
CA TYR D 97 2.37 18.80 -2.85
C TYR D 97 2.92 17.40 -2.57
N LEU D 98 2.45 16.80 -1.48
CA LEU D 98 2.85 15.43 -1.13
C LEU D 98 2.46 14.47 -2.26
N LEU D 99 1.22 14.58 -2.73
CA LEU D 99 0.74 13.73 -3.81
C LEU D 99 1.63 13.86 -5.05
N GLU D 100 1.83 15.08 -5.54
CA GLU D 100 2.67 15.29 -6.73
C GLU D 100 4.04 14.66 -6.56
N GLN D 101 4.70 14.95 -5.43
CA GLN D 101 6.07 14.48 -5.20
C GLN D 101 6.15 12.99 -4.89
N LYS D 102 5.20 12.45 -4.14
CA LYS D 102 5.30 11.07 -3.66
C LYS D 102 4.30 10.07 -4.25
N GLY D 103 3.13 10.55 -4.68
CA GLY D 103 2.15 9.72 -5.35
C GLY D 103 1.19 8.99 -4.42
N GLN D 104 0.12 8.47 -5.02
CA GLN D 104 -0.97 7.79 -4.31
C GLN D 104 -0.52 6.62 -3.49
N GLU D 105 0.25 5.73 -4.10
CA GLU D 105 0.60 4.47 -3.43
C GLU D 105 1.41 4.71 -2.18
N TYR D 106 2.40 5.57 -2.26
CA TYR D 106 3.22 5.88 -1.12
C TYR D 106 2.32 6.34 0.03
N ILE D 107 1.44 7.29 -0.27
CA ILE D 107 0.60 7.88 0.77
C ILE D 107 -0.33 6.81 1.35
N ASN D 108 -1.02 6.10 0.47
CA ASN D 108 -1.88 4.99 0.89
C ASN D 108 -1.11 3.89 1.62
N ASN D 109 0.12 3.59 1.19
CA ASN D 109 0.97 2.60 1.89
C ASN D 109 1.27 2.96 3.33
N ILE D 110 1.77 4.18 3.54
CA ILE D 110 2.08 4.66 4.85
C ILE D 110 0.85 4.75 5.73
N HIS D 111 -0.27 5.14 5.13
CA HIS D 111 -1.53 5.21 5.85
C HIS D 111 -1.93 3.88 6.34
N LEU D 112 -1.88 2.87 5.47
CA LEU D 112 -2.23 1.50 5.83
C LEU D 112 -1.25 0.92 6.83
N THR D 113 0.02 1.29 6.72
CA THR D 113 1.06 0.86 7.66
C THR D 113 0.91 1.48 9.05
N HIS D 114 0.84 2.81 9.11
CA HIS D 114 0.65 3.53 10.39
C HIS D 114 -0.57 3.07 11.14
N SER D 115 -1.68 2.88 10.42
CA SER D 115 -2.95 2.52 11.05
C SER D 115 -2.91 1.17 11.77
N LEU D 116 -2.16 0.21 11.23
CA LEU D 116 -2.08 -1.12 11.85
C LEU D 116 -0.86 -1.31 12.77
N GLU D 117 -0.40 -0.24 13.40
CA GLU D 117 0.52 -0.37 14.53
C GLU D 117 0.01 0.35 15.78
N GLU D 118 -0.53 1.57 15.62
CA GLU D 118 -1.01 2.35 16.76
C GLU D 118 -2.23 1.71 17.46
N CYS D 119 -3.04 0.97 16.69
CA CYS D 119 -4.22 0.31 17.24
C CYS D 119 -3.82 -0.89 18.11
N THR E 22 2.38 9.03 -13.61
CA THR E 22 2.86 9.11 -12.19
C THR E 22 1.69 8.90 -11.20
N ASN E 23 0.56 9.54 -11.48
CA ASN E 23 -0.65 9.34 -10.68
C ASN E 23 -1.81 8.94 -11.58
N LEU E 24 -1.54 8.07 -12.54
CA LEU E 24 -2.55 7.61 -13.49
C LEU E 24 -3.53 6.65 -12.81
N PRO E 25 -4.83 6.73 -13.16
CA PRO E 25 -5.83 5.88 -12.51
C PRO E 25 -5.51 4.38 -12.67
N ARG E 26 -5.71 3.63 -11.60
CA ARG E 26 -5.43 2.19 -11.60
C ARG E 26 -6.34 1.41 -12.52
N ASN E 27 -7.50 1.97 -12.83
CA ASN E 27 -8.41 1.36 -13.77
C ASN E 27 -9.10 2.43 -14.60
N PRO E 28 -8.45 2.88 -15.68
CA PRO E 28 -9.05 3.89 -16.56
C PRO E 28 -10.22 3.35 -17.40
N SER E 29 -10.44 2.04 -17.33
CA SER E 29 -11.63 1.42 -17.91
C SER E 29 -12.90 1.96 -17.23
N MET E 30 -12.77 2.35 -15.97
CA MET E 30 -13.89 2.85 -15.18
C MET E 30 -13.76 4.34 -14.84
N ALA E 31 -13.17 5.13 -15.73
CA ALA E 31 -13.02 6.57 -15.52
C ALA E 31 -14.34 7.33 -15.76
N ASP E 32 -15.06 6.95 -16.81
CA ASP E 32 -16.33 7.60 -17.12
C ASP E 32 -17.37 7.35 -16.01
N TYR E 33 -18.12 8.39 -15.67
CA TYR E 33 -19.15 8.30 -14.61
C TYR E 33 -20.24 7.31 -14.97
N GLU E 34 -20.77 7.44 -16.18
CA GLU E 34 -21.83 6.54 -16.64
C GLU E 34 -21.36 5.09 -16.75
N ALA E 35 -20.05 4.89 -16.86
CA ALA E 35 -19.46 3.55 -16.84
C ALA E 35 -19.67 2.86 -15.49
N ARG E 36 -19.29 3.56 -14.42
CA ARG E 36 -19.39 2.99 -13.08
C ARG E 36 -20.84 2.80 -12.69
N ILE E 37 -21.69 3.79 -12.95
CA ILE E 37 -23.13 3.68 -12.68
C ILE E 37 -23.73 2.43 -13.33
N PHE E 38 -23.19 2.04 -14.48
CA PHE E 38 -23.66 0.87 -15.22
C PHE E 38 -23.29 -0.45 -14.54
N THR E 39 -22.28 -0.43 -13.65
CA THR E 39 -21.87 -1.64 -12.93
C THR E 39 -22.85 -2.03 -11.82
N PHE E 40 -23.84 -1.19 -11.56
CA PHE E 40 -24.81 -1.40 -10.48
C PHE E 40 -26.14 -1.94 -11.01
N GLY E 41 -26.06 -2.93 -11.89
CA GLY E 41 -27.25 -3.56 -12.47
C GLY E 41 -28.01 -4.32 -11.41
N THR E 42 -29.02 -3.68 -10.85
CA THR E 42 -29.76 -4.18 -9.69
C THR E 42 -28.84 -4.20 -8.46
N TRP E 43 -28.53 -3.00 -7.97
CA TRP E 43 -27.81 -2.82 -6.73
C TRP E 43 -28.80 -2.88 -5.61
N ILE E 44 -28.60 -3.80 -4.68
CA ILE E 44 -29.59 -4.10 -3.64
C ILE E 44 -29.04 -3.88 -2.23
N TYR E 45 -28.25 -2.83 -2.06
CA TYR E 45 -27.64 -2.51 -0.76
C TYR E 45 -27.91 -1.06 -0.35
N SER E 46 -27.85 -0.83 0.96
CA SER E 46 -28.41 0.38 1.57
C SER E 46 -27.90 1.70 0.97
N VAL E 47 -26.58 1.81 0.83
CA VAL E 47 -25.96 3.04 0.35
C VAL E 47 -26.25 3.27 -1.14
N ASN E 48 -26.65 4.51 -1.45
CA ASN E 48 -27.08 4.89 -2.78
C ASN E 48 -26.02 4.67 -3.85
N LYS E 49 -26.44 4.12 -4.98
CA LYS E 49 -25.52 3.77 -6.08
C LYS E 49 -25.01 5.00 -6.84
N GLU E 50 -25.84 6.02 -7.01
CA GLU E 50 -25.39 7.25 -7.68
C GLU E 50 -24.29 7.93 -6.86
N GLN E 51 -24.49 8.02 -5.55
CA GLN E 51 -23.49 8.57 -4.64
C GLN E 51 -22.18 7.76 -4.72
N LEU E 52 -22.31 6.44 -4.79
CA LEU E 52 -21.14 5.56 -4.93
C LEU E 52 -20.34 5.83 -6.22
N ALA E 53 -21.05 6.01 -7.32
CA ALA E 53 -20.42 6.26 -8.62
C ALA E 53 -19.69 7.60 -8.67
N ARG E 54 -20.22 8.61 -7.99
CA ARG E 54 -19.58 9.94 -7.91
C ARG E 54 -18.34 9.92 -7.03
N ALA E 55 -18.34 9.04 -6.03
CA ALA E 55 -17.20 8.91 -5.12
C ALA E 55 -16.06 8.16 -5.80
N GLY E 56 -16.31 7.63 -7.00
CA GLY E 56 -15.27 6.97 -7.81
C GLY E 56 -15.31 5.46 -7.73
N PHE E 57 -16.39 4.91 -7.19
CA PHE E 57 -16.47 3.47 -6.96
C PHE E 57 -17.27 2.75 -8.04
N TYR E 58 -16.83 1.54 -8.37
CA TYR E 58 -17.58 0.68 -9.26
C TYR E 58 -17.87 -0.64 -8.54
N ALA E 59 -18.95 -1.29 -8.96
CA ALA E 59 -19.36 -2.57 -8.37
C ALA E 59 -18.47 -3.67 -8.90
N LEU E 60 -17.84 -4.39 -7.99
CA LEU E 60 -16.93 -5.49 -8.34
C LEU E 60 -17.68 -6.74 -8.77
N GLY E 61 -18.96 -6.83 -8.41
CA GLY E 61 -19.79 -7.96 -8.82
C GLY E 61 -20.17 -8.82 -7.64
N GLU E 62 -19.16 -9.27 -6.88
CA GLU E 62 -19.40 -10.09 -5.69
C GLU E 62 -19.67 -9.20 -4.47
N GLY E 63 -20.43 -9.75 -3.52
CA GLY E 63 -20.81 -9.06 -2.29
C GLY E 63 -21.34 -7.66 -2.54
N ASP E 64 -21.09 -6.77 -1.58
CA ASP E 64 -21.26 -5.33 -1.79
C ASP E 64 -19.90 -4.68 -2.01
N LYS E 65 -18.93 -5.48 -2.49
CA LYS E 65 -17.56 -5.02 -2.71
C LYS E 65 -17.48 -3.98 -3.82
N VAL E 66 -16.73 -2.91 -3.57
CA VAL E 66 -16.51 -1.87 -4.57
C VAL E 66 -15.06 -1.41 -4.56
N LYS E 67 -14.55 -1.03 -5.74
CA LYS E 67 -13.20 -0.49 -5.88
C LYS E 67 -13.25 0.94 -6.43
N CYS E 68 -12.35 1.80 -5.96
CA CYS E 68 -12.20 3.12 -6.59
C CYS E 68 -11.35 2.96 -7.82
N PHE E 69 -11.76 3.58 -8.92
CA PHE E 69 -11.07 3.40 -10.19
C PHE E 69 -9.66 3.99 -10.18
N HIS E 70 -9.46 5.01 -9.36
CA HIS E 70 -8.20 5.75 -9.35
C HIS E 70 -7.19 5.13 -8.43
N CYS E 71 -7.55 4.97 -7.16
CA CYS E 71 -6.62 4.44 -6.16
C CYS E 71 -6.69 2.90 -6.01
N GLY E 72 -7.67 2.28 -6.66
CA GLY E 72 -7.90 0.85 -6.50
C GLY E 72 -8.42 0.50 -5.12
N GLY E 73 -8.90 1.52 -4.40
CA GLY E 73 -9.31 1.37 -3.01
C GLY E 73 -10.54 0.51 -2.88
N GLY E 74 -10.43 -0.58 -2.14
CA GLY E 74 -11.52 -1.54 -2.01
C GLY E 74 -12.26 -1.40 -0.71
N LEU E 75 -13.59 -1.30 -0.80
CA LEU E 75 -14.44 -1.24 0.40
C LEU E 75 -15.55 -2.26 0.29
N THR E 76 -16.05 -2.66 1.45
CA THR E 76 -17.12 -3.66 1.58
C THR E 76 -17.77 -3.55 2.98
N ASP E 77 -18.90 -4.24 3.18
CA ASP E 77 -19.68 -4.17 4.42
C ASP E 77 -20.18 -2.74 4.72
N TRP E 78 -20.97 -2.20 3.80
CA TRP E 78 -21.51 -0.85 3.94
C TRP E 78 -22.65 -0.79 4.91
N LYS E 79 -22.61 0.16 5.82
CA LYS E 79 -23.70 0.39 6.78
C LYS E 79 -24.75 1.31 6.13
N PRO E 80 -25.97 1.35 6.71
CA PRO E 80 -27.09 2.15 6.20
C PRO E 80 -26.79 3.57 5.71
N SER E 81 -26.41 4.48 6.61
CA SER E 81 -26.30 5.89 6.25
C SER E 81 -24.85 6.37 6.13
N GLU E 82 -24.05 5.62 5.38
CA GLU E 82 -22.63 5.95 5.22
C GLU E 82 -22.37 6.76 3.96
N ASP E 83 -21.52 7.78 4.10
CA ASP E 83 -21.15 8.63 3.01
C ASP E 83 -20.02 7.93 2.25
N PRO E 84 -20.21 7.69 0.94
CA PRO E 84 -19.14 7.10 0.16
C PRO E 84 -17.83 7.89 0.26
N TRP E 85 -17.92 9.21 0.07
CA TRP E 85 -16.77 10.10 0.15
C TRP E 85 -16.01 9.97 1.45
N GLU E 86 -16.75 9.93 2.55
CA GLU E 86 -16.14 9.88 3.89
C GLU E 86 -15.32 8.61 4.10
N GLN E 87 -15.90 7.49 3.70
CA GLN E 87 -15.24 6.19 3.78
C GLN E 87 -14.05 6.11 2.83
N HIS E 88 -14.20 6.72 1.66
CA HIS E 88 -13.13 6.81 0.67
C HIS E 88 -11.95 7.46 1.32
N ALA E 89 -12.15 8.66 1.84
CA ALA E 89 -11.06 9.42 2.46
C ALA E 89 -10.59 8.76 3.76
N LYS E 90 -11.50 8.09 4.47
CA LYS E 90 -11.11 7.39 5.68
C LYS E 90 -10.01 6.38 5.40
N TRP E 91 -10.19 5.60 4.34
CA TRP E 91 -9.29 4.48 4.09
C TRP E 91 -8.25 4.70 3.02
N TYR E 92 -8.55 5.53 2.02
CA TYR E 92 -7.63 5.79 0.92
C TYR E 92 -7.46 7.29 0.66
N PRO E 93 -6.83 8.01 1.60
CA PRO E 93 -6.64 9.47 1.51
C PRO E 93 -5.68 9.91 0.39
N GLY E 94 -4.92 8.96 -0.16
CA GLY E 94 -4.02 9.22 -1.27
C GLY E 94 -4.65 9.41 -2.63
N CYS E 95 -5.83 8.83 -2.85
CA CYS E 95 -6.54 8.97 -4.13
C CYS E 95 -6.46 10.40 -4.69
N LYS E 96 -5.94 10.55 -5.89
CA LYS E 96 -5.83 11.86 -6.52
C LYS E 96 -7.19 12.39 -6.92
N TYR E 97 -8.09 11.48 -7.31
CA TYR E 97 -9.45 11.84 -7.66
C TYR E 97 -10.13 12.46 -6.46
N LEU E 98 -10.10 11.74 -5.34
CA LEU E 98 -10.58 12.24 -4.06
C LEU E 98 -10.15 13.70 -3.84
N LEU E 99 -8.87 13.98 -4.11
CA LEU E 99 -8.29 15.30 -3.87
C LEU E 99 -8.86 16.39 -4.80
N GLU E 100 -8.92 16.11 -6.10
CA GLU E 100 -9.46 17.07 -7.06
C GLU E 100 -10.94 17.37 -6.81
N GLN E 101 -11.65 16.39 -6.26
CA GLN E 101 -13.08 16.52 -5.97
C GLN E 101 -13.39 17.14 -4.61
N LYS E 102 -12.65 16.75 -3.57
CA LYS E 102 -13.01 17.12 -2.20
C LYS E 102 -12.06 18.10 -1.52
N GLY E 103 -10.76 18.00 -1.84
CA GLY E 103 -9.75 18.94 -1.34
C GLY E 103 -9.01 18.47 -0.11
N GLN E 104 -7.82 19.06 0.08
CA GLN E 104 -6.93 18.70 1.19
C GLN E 104 -7.60 18.78 2.54
N GLU E 105 -8.26 19.90 2.76
CA GLU E 105 -8.87 20.17 4.04
C GLU E 105 -9.85 19.06 4.43
N TYR E 106 -10.70 18.64 3.49
CA TYR E 106 -11.64 17.54 3.71
C TYR E 106 -10.97 16.25 4.11
N ILE E 107 -9.93 15.88 3.36
CA ILE E 107 -9.23 14.63 3.60
C ILE E 107 -8.57 14.64 4.97
N ASN E 108 -7.85 15.70 5.27
CA ASN E 108 -7.10 15.78 6.53
C ASN E 108 -8.05 15.75 7.74
N ASN E 109 -9.24 16.31 7.54
CA ASN E 109 -10.27 16.36 8.56
C ASN E 109 -10.81 14.98 8.92
N ILE E 110 -11.11 14.18 7.91
CA ILE E 110 -11.53 12.79 8.14
C ILE E 110 -10.40 12.01 8.77
N HIS E 111 -9.18 12.26 8.30
CA HIS E 111 -8.03 11.54 8.83
C HIS E 111 -7.84 11.79 10.30
N LEU E 112 -7.87 13.07 10.66
CA LEU E 112 -7.82 13.53 12.05
C LEU E 112 -8.92 12.91 12.91
N THR E 113 -10.11 12.79 12.36
CA THR E 113 -11.25 12.24 13.10
C THR E 113 -11.08 10.73 13.31
N HIS E 114 -10.82 10.00 12.23
CA HIS E 114 -10.51 8.56 12.29
C HIS E 114 -9.37 8.26 13.23
N SER E 115 -8.34 9.11 13.23
CA SER E 115 -7.16 8.96 14.09
C SER E 115 -7.48 8.76 15.58
N LEU E 116 -8.69 9.14 15.99
CA LEU E 116 -9.14 9.01 17.37
C LEU E 116 -9.78 7.64 17.65
N GLU E 117 -10.79 7.29 16.85
CA GLU E 117 -11.51 6.00 16.97
C GLU E 117 -11.94 5.71 18.41
N THR F 22 24.11 -18.04 -5.68
CA THR F 22 23.79 -19.38 -6.29
C THR F 22 22.81 -20.15 -5.40
N ASN F 23 22.70 -21.48 -5.61
CA ASN F 23 21.76 -22.34 -4.88
C ASN F 23 22.13 -22.59 -3.41
N LEU F 24 22.19 -21.52 -2.61
CA LEU F 24 22.56 -21.62 -1.20
C LEU F 24 21.34 -22.04 -0.38
N PRO F 25 21.56 -22.74 0.75
CA PRO F 25 20.43 -23.16 1.60
C PRO F 25 19.67 -21.97 2.19
N ARG F 26 18.35 -21.95 2.01
CA ARG F 26 17.52 -20.82 2.44
C ARG F 26 17.71 -20.47 3.90
N ASN F 27 17.58 -21.49 4.76
CA ASN F 27 17.72 -21.30 6.19
C ASN F 27 18.93 -22.07 6.69
N PRO F 28 20.13 -21.46 6.60
CA PRO F 28 21.34 -22.13 7.07
C PRO F 28 21.42 -22.20 8.59
N SER F 29 20.53 -21.50 9.28
CA SER F 29 20.37 -21.64 10.72
C SER F 29 19.82 -23.03 11.07
N MET F 30 19.31 -23.73 10.06
CA MET F 30 18.84 -25.11 10.22
C MET F 30 19.58 -26.07 9.27
N ALA F 31 20.85 -25.78 8.98
CA ALA F 31 21.64 -26.59 8.05
C ALA F 31 22.22 -27.86 8.71
N ASP F 32 22.21 -27.89 10.04
CA ASP F 32 22.74 -29.02 10.81
C ASP F 32 21.60 -29.92 11.28
N TYR F 33 21.78 -31.24 11.14
CA TYR F 33 20.79 -32.22 11.60
C TYR F 33 20.28 -31.93 13.01
N GLU F 34 21.23 -31.75 13.92
CA GLU F 34 20.94 -31.58 15.34
C GLU F 34 20.04 -30.36 15.59
N ALA F 35 20.29 -29.29 14.84
CA ALA F 35 19.44 -28.10 14.88
C ALA F 35 17.98 -28.43 14.57
N ARG F 36 17.78 -29.28 13.59
CA ARG F 36 16.43 -29.66 13.16
C ARG F 36 15.76 -30.59 14.17
N ILE F 37 16.54 -31.53 14.73
CA ILE F 37 15.98 -32.47 15.70
C ILE F 37 15.51 -31.77 16.99
N PHE F 38 16.08 -30.60 17.26
CA PHE F 38 15.72 -29.79 18.43
C PHE F 38 14.27 -29.27 18.35
N THR F 39 13.79 -29.03 17.12
CA THR F 39 12.45 -28.49 16.93
C THR F 39 11.34 -29.52 17.20
N PHE F 40 11.73 -30.79 17.35
CA PHE F 40 10.77 -31.86 17.65
C PHE F 40 10.75 -32.19 19.15
N GLY F 41 10.54 -31.17 19.97
CA GLY F 41 10.36 -31.34 21.41
C GLY F 41 8.89 -31.52 21.73
N THR F 42 8.52 -32.72 22.17
CA THR F 42 7.13 -33.14 22.31
C THR F 42 6.47 -33.16 20.93
N TRP F 43 6.99 -34.04 20.08
CA TRP F 43 6.44 -34.26 18.75
C TRP F 43 5.40 -35.33 18.87
N ILE F 44 4.14 -34.95 18.69
CA ILE F 44 3.01 -35.83 18.98
C ILE F 44 2.36 -36.43 17.74
N TYR F 45 3.07 -36.42 16.62
CA TYR F 45 2.56 -36.96 15.36
C TYR F 45 3.36 -38.19 14.93
N SER F 46 2.68 -39.13 14.26
CA SER F 46 3.19 -40.49 14.06
C SER F 46 4.41 -40.61 13.14
N VAL F 47 4.50 -39.72 12.15
CA VAL F 47 5.65 -39.69 11.23
C VAL F 47 6.97 -39.50 11.99
N ASN F 48 7.96 -40.34 11.68
CA ASN F 48 9.21 -40.40 12.44
C ASN F 48 9.96 -39.08 12.41
N LYS F 49 10.30 -38.56 13.58
CA LYS F 49 10.97 -37.26 13.67
C LYS F 49 12.42 -37.31 13.18
N GLU F 50 13.11 -38.41 13.44
CA GLU F 50 14.50 -38.57 12.98
C GLU F 50 14.56 -38.65 11.46
N GLN F 51 13.61 -39.37 10.86
CA GLN F 51 13.49 -39.45 9.40
C GLN F 51 13.15 -38.09 8.78
N LEU F 52 12.20 -37.38 9.40
CA LEU F 52 11.83 -36.01 8.96
C LEU F 52 13.04 -35.07 8.95
N ALA F 53 13.85 -35.11 10.02
CA ALA F 53 15.04 -34.27 10.12
C ALA F 53 16.14 -34.70 9.15
N ARG F 54 16.32 -36.02 8.98
CA ARG F 54 17.27 -36.55 8.00
C ARG F 54 16.93 -36.14 6.57
N ALA F 55 15.66 -35.84 6.31
CA ALA F 55 15.23 -35.37 4.99
C ALA F 55 15.16 -33.85 4.87
N GLY F 56 15.83 -33.14 5.79
CA GLY F 56 15.97 -31.69 5.70
C GLY F 56 14.90 -30.85 6.38
N PHE F 57 13.91 -31.50 6.99
CA PHE F 57 12.78 -30.79 7.59
C PHE F 57 12.98 -30.43 9.06
N TYR F 58 12.51 -29.24 9.43
CA TYR F 58 12.43 -28.81 10.82
C TYR F 58 11.01 -28.35 11.11
N ALA F 59 10.58 -28.52 12.36
CA ALA F 59 9.20 -28.19 12.76
C ALA F 59 9.03 -26.70 12.95
N LEU F 60 7.86 -26.18 12.60
CA LEU F 60 7.57 -24.76 12.70
C LEU F 60 6.96 -24.38 14.04
N GLY F 61 6.60 -25.39 14.82
CA GLY F 61 6.07 -25.16 16.16
C GLY F 61 4.56 -25.09 16.24
N GLU F 62 3.89 -25.01 15.08
CA GLU F 62 2.42 -25.11 15.04
C GLU F 62 1.98 -26.26 14.13
N GLY F 63 1.10 -27.10 14.65
CA GLY F 63 0.64 -28.29 13.94
C GLY F 63 1.79 -29.20 13.54
N ASP F 64 1.53 -30.08 12.58
CA ASP F 64 2.58 -30.94 12.03
C ASP F 64 3.37 -30.25 10.90
N LYS F 65 3.16 -28.95 10.73
CA LYS F 65 3.86 -28.16 9.72
C LYS F 65 5.37 -28.30 9.84
N VAL F 66 6.02 -28.66 8.73
CA VAL F 66 7.47 -28.71 8.68
C VAL F 66 7.97 -28.03 7.41
N LYS F 67 9.19 -27.53 7.45
CA LYS F 67 9.78 -26.78 6.34
C LYS F 67 11.18 -27.31 6.06
N CYS F 68 11.57 -27.42 4.79
CA CYS F 68 12.90 -27.91 4.45
C CYS F 68 13.90 -26.77 4.54
N PHE F 69 15.03 -26.99 5.20
CA PHE F 69 16.01 -25.91 5.39
C PHE F 69 16.59 -25.38 4.09
N HIS F 70 16.62 -26.21 3.05
CA HIS F 70 17.30 -25.85 1.82
C HIS F 70 16.38 -25.23 0.80
N CYS F 71 15.35 -25.96 0.38
CA CYS F 71 14.40 -25.45 -0.61
C CYS F 71 13.40 -24.49 -0.01
N GLY F 72 13.14 -24.62 1.29
CA GLY F 72 12.10 -23.84 1.96
C GLY F 72 10.73 -24.46 1.78
N GLY F 73 10.69 -25.64 1.15
CA GLY F 73 9.44 -26.34 0.91
C GLY F 73 8.75 -26.72 2.20
N GLY F 74 7.47 -26.38 2.29
CA GLY F 74 6.68 -26.65 3.48
C GLY F 74 5.62 -27.70 3.24
N LEU F 75 5.49 -28.62 4.18
CA LEU F 75 4.49 -29.68 4.11
C LEU F 75 3.69 -29.74 5.41
N THR F 76 2.47 -30.26 5.31
CA THR F 76 1.54 -30.36 6.43
C THR F 76 0.52 -31.48 6.16
N ASP F 77 -0.26 -31.80 7.20
CA ASP F 77 -1.27 -32.88 7.13
C ASP F 77 -0.68 -34.23 6.76
N TRP F 78 0.23 -34.71 7.60
CA TRP F 78 0.91 -35.99 7.36
C TRP F 78 0.03 -37.16 7.63
N LYS F 79 0.33 -38.28 6.97
CA LYS F 79 -0.35 -39.54 7.21
C LYS F 79 0.62 -40.52 7.88
N PRO F 80 0.08 -41.46 8.69
CA PRO F 80 0.91 -42.36 9.51
C PRO F 80 2.13 -42.98 8.80
N SER F 81 1.91 -43.58 7.65
CA SER F 81 2.95 -44.37 6.97
C SER F 81 3.92 -43.53 6.13
N GLU F 82 3.46 -42.38 5.63
CA GLU F 82 4.24 -41.56 4.67
C GLU F 82 5.72 -41.42 4.96
N ASP F 83 6.52 -41.59 3.92
CA ASP F 83 7.96 -41.37 4.00
C ASP F 83 8.26 -39.89 3.76
N PRO F 84 9.08 -39.27 4.63
CA PRO F 84 9.45 -37.87 4.44
C PRO F 84 10.14 -37.55 3.12
N TRP F 85 11.06 -38.41 2.67
CA TRP F 85 11.80 -38.17 1.43
C TRP F 85 10.93 -38.17 0.21
N GLU F 86 10.00 -39.13 0.17
CA GLU F 86 9.10 -39.27 -0.97
C GLU F 86 8.29 -37.98 -1.14
N GLN F 87 7.85 -37.42 -0.03
CA GLN F 87 7.04 -36.20 -0.05
C GLN F 87 7.87 -34.99 -0.41
N HIS F 88 9.11 -34.97 0.08
CA HIS F 88 10.07 -33.95 -0.29
C HIS F 88 10.18 -33.89 -1.79
N ALA F 89 10.40 -35.06 -2.41
CA ALA F 89 10.54 -35.17 -3.87
C ALA F 89 9.24 -34.84 -4.58
N LYS F 90 8.15 -35.43 -4.14
CA LYS F 90 6.83 -35.23 -4.74
C LYS F 90 6.55 -33.75 -5.01
N TRP F 91 6.79 -32.90 -4.00
CA TRP F 91 6.36 -31.51 -4.06
C TRP F 91 7.42 -30.50 -4.31
N TYR F 92 8.67 -30.79 -3.97
CA TYR F 92 9.76 -29.82 -4.14
C TYR F 92 10.98 -30.49 -4.75
N PRO F 93 10.87 -30.94 -6.01
CA PRO F 93 11.93 -31.71 -6.67
C PRO F 93 13.18 -30.91 -7.00
N GLY F 94 13.08 -29.59 -7.00
CA GLY F 94 14.23 -28.73 -7.26
C GLY F 94 15.27 -28.66 -6.15
N CYS F 95 14.94 -29.10 -4.95
CA CYS F 95 15.86 -29.02 -3.81
C CYS F 95 17.27 -29.60 -4.07
N LYS F 96 18.29 -28.80 -3.80
CA LYS F 96 19.68 -29.18 -4.08
C LYS F 96 20.17 -30.24 -3.11
N TYR F 97 19.67 -30.18 -1.88
CA TYR F 97 19.94 -31.18 -0.85
C TYR F 97 19.27 -32.50 -1.22
N LEU F 98 18.01 -32.43 -1.66
CA LEU F 98 17.27 -33.62 -2.10
C LEU F 98 18.06 -34.36 -3.18
N LEU F 99 18.54 -33.59 -4.16
CA LEU F 99 19.34 -34.15 -5.26
C LEU F 99 20.62 -34.79 -4.74
N GLU F 100 21.33 -34.06 -3.89
CA GLU F 100 22.59 -34.55 -3.31
C GLU F 100 22.40 -35.89 -2.62
N GLN F 101 21.33 -36.01 -1.83
CA GLN F 101 21.14 -37.16 -0.96
C GLN F 101 20.44 -38.37 -1.61
N LYS F 102 19.71 -38.13 -2.70
CA LYS F 102 18.86 -39.17 -3.30
C LYS F 102 19.08 -39.43 -4.79
N GLY F 103 19.37 -38.39 -5.55
CA GLY F 103 19.77 -38.55 -6.96
C GLY F 103 18.67 -38.27 -7.96
N GLN F 104 19.06 -38.27 -9.23
CA GLN F 104 18.19 -37.85 -10.33
C GLN F 104 17.04 -38.81 -10.56
N GLU F 105 17.35 -40.10 -10.68
CA GLU F 105 16.29 -41.08 -10.94
C GLU F 105 15.28 -41.13 -9.79
N TYR F 106 15.76 -41.01 -8.56
CA TYR F 106 14.84 -40.95 -7.44
C TYR F 106 13.87 -39.79 -7.66
N ILE F 107 14.39 -38.58 -7.87
CA ILE F 107 13.52 -37.43 -8.02
C ILE F 107 12.62 -37.61 -9.25
N ASN F 108 13.24 -37.94 -10.38
CA ASN F 108 12.49 -38.09 -11.65
C ASN F 108 11.49 -39.25 -11.65
N ASN F 109 11.77 -40.33 -10.94
CA ASN F 109 10.80 -41.43 -10.80
C ASN F 109 9.54 -40.93 -10.15
N ILE F 110 9.75 -40.30 -9.00
CA ILE F 110 8.67 -39.83 -8.16
C ILE F 110 7.85 -38.78 -8.89
N HIS F 111 8.53 -37.93 -9.65
CA HIS F 111 7.85 -36.88 -10.40
C HIS F 111 6.99 -37.47 -11.48
N LEU F 112 7.56 -38.44 -12.18
CA LEU F 112 6.84 -39.21 -13.19
C LEU F 112 5.62 -39.94 -12.65
N THR F 113 5.71 -40.41 -11.40
CA THR F 113 4.64 -41.15 -10.76
C THR F 113 3.52 -40.24 -10.30
N HIS F 114 3.89 -39.14 -9.66
CA HIS F 114 2.93 -38.09 -9.28
C HIS F 114 2.26 -37.50 -10.49
N SER F 115 3.00 -37.37 -11.59
CA SER F 115 2.42 -36.94 -12.87
C SER F 115 1.23 -37.79 -13.31
N LEU F 116 1.17 -39.02 -12.82
CA LEU F 116 0.12 -39.97 -13.16
C LEU F 116 -1.04 -40.03 -12.14
N GLU F 117 -0.89 -39.33 -11.01
CA GLU F 117 -1.93 -39.21 -9.98
C GLU F 117 -3.32 -38.94 -10.57
N THR G 22 26.21 -42.69 -8.80
CA THR G 22 25.57 -41.50 -8.17
C THR G 22 25.11 -40.49 -9.26
N ASN G 23 25.09 -39.20 -8.94
CA ASN G 23 24.63 -38.14 -9.88
C ASN G 23 25.58 -37.85 -11.06
N LEU G 24 26.16 -38.87 -11.67
CA LEU G 24 27.08 -38.69 -12.78
C LEU G 24 26.28 -38.57 -14.07
N PRO G 25 26.76 -37.74 -15.03
CA PRO G 25 25.99 -37.51 -16.26
C PRO G 25 25.77 -38.80 -17.03
N ARG G 26 24.54 -39.03 -17.47
CA ARG G 26 24.16 -40.29 -18.11
C ARG G 26 24.91 -40.53 -19.40
N ASN G 27 25.04 -39.49 -20.21
CA ASN G 27 25.75 -39.57 -21.48
C ASN G 27 26.86 -38.52 -21.55
N PRO G 28 28.03 -38.82 -20.95
CA PRO G 28 29.14 -37.86 -20.95
C PRO G 28 29.77 -37.62 -22.33
N SER G 29 29.41 -38.44 -23.33
CA SER G 29 29.82 -38.19 -24.72
C SER G 29 29.29 -36.85 -25.23
N MET G 30 28.13 -36.43 -24.72
CA MET G 30 27.49 -35.19 -25.13
C MET G 30 27.53 -34.14 -24.02
N ALA G 31 28.49 -34.28 -23.10
CA ALA G 31 28.67 -33.31 -22.00
C ALA G 31 29.09 -31.93 -22.49
N ASP G 32 29.70 -31.91 -23.68
CA ASP G 32 30.26 -30.71 -24.30
C ASP G 32 29.26 -30.11 -25.29
N TYR G 33 29.08 -28.78 -25.21
CA TYR G 33 28.13 -28.05 -26.05
C TYR G 33 28.37 -28.30 -27.55
N GLU G 34 29.64 -28.17 -27.97
CA GLU G 34 30.05 -28.49 -29.33
C GLU G 34 29.47 -29.81 -29.83
N ALA G 35 29.70 -30.87 -29.06
CA ALA G 35 29.23 -32.20 -29.41
C ALA G 35 27.71 -32.26 -29.61
N ARG G 36 26.98 -31.57 -28.74
CA ARG G 36 25.51 -31.57 -28.80
C ARG G 36 25.00 -30.78 -30.01
N ILE G 37 25.62 -29.63 -30.27
CA ILE G 37 25.16 -28.74 -31.34
C ILE G 37 25.35 -29.35 -32.73
N PHE G 38 26.39 -30.17 -32.88
CA PHE G 38 26.69 -30.86 -34.14
C PHE G 38 25.53 -31.74 -34.63
N THR G 39 24.81 -32.37 -33.71
CA THR G 39 23.73 -33.30 -34.07
C THR G 39 22.43 -32.62 -34.54
N PHE G 40 22.42 -31.29 -34.57
CA PHE G 40 21.26 -30.54 -35.03
C PHE G 40 21.42 -29.96 -36.45
N GLY G 41 22.51 -30.34 -37.12
CA GLY G 41 22.62 -30.13 -38.56
C GLY G 41 21.63 -31.07 -39.21
N THR G 42 20.68 -30.51 -39.96
CA THR G 42 19.42 -31.19 -40.30
C THR G 42 18.49 -31.10 -39.09
N TRP G 43 17.73 -30.00 -39.05
CA TRP G 43 16.73 -29.80 -38.01
C TRP G 43 15.60 -28.99 -38.59
N ILE G 44 14.71 -29.68 -39.29
CA ILE G 44 13.61 -29.07 -40.03
C ILE G 44 12.43 -28.61 -39.16
N TYR G 45 12.68 -28.43 -37.86
CA TYR G 45 11.62 -28.15 -36.89
C TYR G 45 11.73 -26.72 -36.35
N SER G 46 10.68 -26.28 -35.66
CA SER G 46 10.54 -24.88 -35.26
C SER G 46 11.42 -24.49 -34.07
N VAL G 47 11.47 -25.34 -33.06
CA VAL G 47 12.22 -25.01 -31.84
C VAL G 47 13.70 -24.80 -32.12
N ASN G 48 14.23 -23.73 -31.53
CA ASN G 48 15.58 -23.25 -31.81
C ASN G 48 16.67 -24.19 -31.29
N LYS G 49 17.43 -24.78 -32.21
CA LYS G 49 18.48 -25.76 -31.88
C LYS G 49 19.56 -25.25 -30.93
N GLU G 50 19.88 -23.96 -31.00
CA GLU G 50 20.87 -23.37 -30.08
C GLU G 50 20.35 -23.45 -28.65
N GLN G 51 19.10 -23.01 -28.44
CA GLN G 51 18.46 -23.11 -27.12
C GLN G 51 18.46 -24.55 -26.63
N LEU G 52 18.17 -25.48 -27.53
CA LEU G 52 18.11 -26.91 -27.18
C LEU G 52 19.42 -27.45 -26.64
N ALA G 53 20.52 -27.14 -27.33
CA ALA G 53 21.85 -27.55 -26.88
C ALA G 53 22.23 -26.86 -25.56
N ARG G 54 21.98 -25.55 -25.49
CA ARG G 54 22.19 -24.78 -24.26
C ARG G 54 21.46 -25.43 -23.08
N ALA G 55 20.24 -25.90 -23.34
CA ALA G 55 19.42 -26.54 -22.31
C ALA G 55 19.89 -27.96 -21.97
N GLY G 56 20.81 -28.51 -22.75
CA GLY G 56 21.37 -29.83 -22.49
C GLY G 56 21.03 -30.92 -23.49
N PHE G 57 20.06 -30.64 -24.37
CA PHE G 57 19.54 -31.64 -25.29
C PHE G 57 20.45 -31.91 -26.49
N TYR G 58 20.40 -33.14 -26.99
CA TYR G 58 21.02 -33.51 -28.26
C TYR G 58 20.04 -34.34 -29.09
N ALA G 59 20.19 -34.30 -30.41
CA ALA G 59 19.25 -34.96 -31.32
C ALA G 59 19.54 -36.46 -31.43
N LEU G 60 18.46 -37.25 -31.42
CA LEU G 60 18.55 -38.71 -31.52
C LEU G 60 18.51 -39.20 -32.97
N GLY G 61 18.31 -38.29 -33.90
CA GLY G 61 18.33 -38.60 -35.33
C GLY G 61 17.06 -39.26 -35.82
N GLU G 62 15.94 -38.94 -35.19
CA GLU G 62 14.62 -39.39 -35.64
C GLU G 62 13.51 -38.51 -35.08
N GLY G 63 12.61 -38.08 -35.96
CA GLY G 63 11.55 -37.13 -35.60
C GLY G 63 12.14 -35.88 -34.98
N ASP G 64 11.33 -35.17 -34.20
CA ASP G 64 11.83 -34.04 -33.42
C ASP G 64 12.21 -34.48 -32.00
N LYS G 65 12.78 -35.68 -31.88
CA LYS G 65 13.16 -36.25 -30.58
C LYS G 65 14.53 -35.79 -30.15
N VAL G 66 14.69 -35.54 -28.86
CA VAL G 66 15.98 -35.16 -28.27
C VAL G 66 16.09 -35.70 -26.85
N LYS G 67 17.30 -35.65 -26.28
CA LYS G 67 17.56 -36.15 -24.93
C LYS G 67 18.59 -35.32 -24.20
N CYS G 68 18.35 -35.01 -22.93
CA CYS G 68 19.33 -34.32 -22.09
C CYS G 68 20.52 -35.24 -21.82
N PHE G 69 21.72 -34.67 -21.82
CA PHE G 69 22.95 -35.44 -21.65
C PHE G 69 23.14 -35.90 -20.21
N HIS G 70 22.70 -35.10 -19.23
CA HIS G 70 22.95 -35.43 -17.84
C HIS G 70 21.90 -36.37 -17.31
N CYS G 71 20.64 -35.92 -17.29
CA CYS G 71 19.55 -36.73 -16.71
C CYS G 71 19.06 -37.87 -17.60
N GLY G 72 19.09 -37.67 -18.91
CA GLY G 72 18.74 -38.73 -19.86
C GLY G 72 17.29 -38.74 -20.29
N GLY G 73 16.51 -37.80 -19.78
CA GLY G 73 15.12 -37.67 -20.17
C GLY G 73 14.96 -37.18 -21.59
N GLY G 74 13.90 -37.63 -22.26
CA GLY G 74 13.66 -37.27 -23.66
C GLY G 74 12.34 -36.57 -23.89
N LEU G 75 12.30 -35.75 -24.93
CA LEU G 75 11.12 -34.99 -25.29
C LEU G 75 10.91 -35.02 -26.81
N THR G 76 9.65 -34.86 -27.23
CA THR G 76 9.29 -34.82 -28.64
C THR G 76 7.94 -34.14 -28.87
N ASP G 77 7.54 -34.00 -30.12
CA ASP G 77 6.33 -33.27 -30.51
C ASP G 77 6.34 -31.86 -29.92
N TRP G 78 7.36 -31.10 -30.26
CA TRP G 78 7.49 -29.70 -29.82
C TRP G 78 6.54 -28.79 -30.53
N LYS G 79 5.95 -27.87 -29.78
CA LYS G 79 5.12 -26.80 -30.36
C LYS G 79 6.03 -25.67 -30.85
N PRO G 80 5.54 -24.84 -31.78
CA PRO G 80 6.36 -23.83 -32.48
C PRO G 80 7.47 -23.11 -31.66
N SER G 81 7.08 -22.28 -30.70
CA SER G 81 8.03 -21.41 -30.00
C SER G 81 8.13 -21.73 -28.51
N GLU G 82 8.37 -23.01 -28.21
CA GLU G 82 8.49 -23.48 -26.83
C GLU G 82 9.88 -23.25 -26.26
N ASP G 83 9.94 -23.05 -24.94
CA ASP G 83 11.20 -22.85 -24.24
C ASP G 83 11.75 -24.23 -23.85
N PRO G 84 12.95 -24.59 -24.34
CA PRO G 84 13.50 -25.88 -23.94
C PRO G 84 13.77 -26.01 -22.45
N TRP G 85 14.12 -24.89 -21.81
CA TRP G 85 14.37 -24.86 -20.39
C TRP G 85 13.13 -25.20 -19.59
N GLU G 86 12.02 -24.56 -19.91
CA GLU G 86 10.76 -24.84 -19.22
C GLU G 86 10.37 -26.32 -19.37
N GLN G 87 10.54 -26.87 -20.56
CA GLN G 87 10.14 -28.25 -20.81
C GLN G 87 11.05 -29.25 -20.12
N HIS G 88 12.32 -28.88 -19.94
CA HIS G 88 13.24 -29.70 -19.17
C HIS G 88 12.80 -29.75 -17.73
N ALA G 89 12.49 -28.57 -17.19
CA ALA G 89 12.08 -28.43 -15.79
C ALA G 89 10.70 -29.05 -15.51
N LYS G 90 9.78 -28.90 -16.46
CA LYS G 90 8.42 -29.38 -16.31
C LYS G 90 8.35 -30.89 -16.16
N TRP G 91 9.14 -31.60 -16.98
CA TRP G 91 9.06 -33.06 -17.07
C TRP G 91 10.20 -33.81 -16.43
N TYR G 92 11.35 -33.16 -16.30
CA TYR G 92 12.50 -33.82 -15.70
C TYR G 92 13.19 -32.91 -14.70
N PRO G 93 12.46 -32.52 -13.62
CA PRO G 93 12.99 -31.57 -12.65
C PRO G 93 14.20 -32.06 -11.84
N GLY G 94 14.47 -33.37 -11.92
CA GLY G 94 15.55 -33.99 -11.16
C GLY G 94 16.95 -33.86 -11.73
N CYS G 95 17.08 -33.29 -12.93
CA CYS G 95 18.41 -33.11 -13.56
C CYS G 95 19.37 -32.22 -12.74
N LYS G 96 20.63 -32.63 -12.65
CA LYS G 96 21.65 -31.93 -11.87
C LYS G 96 22.22 -30.77 -12.66
N TYR G 97 22.25 -30.94 -13.98
CA TYR G 97 22.65 -29.87 -14.89
C TYR G 97 21.63 -28.74 -14.86
N LEU G 98 20.34 -29.09 -15.02
CA LEU G 98 19.26 -28.12 -14.91
C LEU G 98 19.44 -27.32 -13.62
N LEU G 99 19.69 -28.03 -12.53
CA LEU G 99 19.85 -27.40 -11.23
C LEU G 99 20.97 -26.37 -11.24
N GLU G 100 22.16 -26.78 -11.65
CA GLU G 100 23.31 -25.87 -11.67
C GLU G 100 23.06 -24.67 -12.59
N GLN G 101 22.47 -24.91 -13.76
CA GLN G 101 22.21 -23.84 -14.73
C GLN G 101 21.09 -22.90 -14.29
N LYS G 102 19.97 -23.46 -13.86
CA LYS G 102 18.74 -22.69 -13.68
C LYS G 102 18.38 -22.43 -12.22
N GLY G 103 18.67 -23.39 -11.35
CA GLY G 103 18.53 -23.19 -9.91
C GLY G 103 17.24 -23.75 -9.31
N GLN G 104 17.36 -24.08 -8.02
CA GLN G 104 16.26 -24.47 -7.13
C GLN G 104 14.89 -23.85 -7.42
N GLU G 105 14.80 -22.52 -7.35
CA GLU G 105 13.50 -21.85 -7.40
C GLU G 105 12.85 -21.93 -8.76
N TYR G 106 13.65 -21.77 -9.82
CA TYR G 106 13.15 -21.95 -11.18
C TYR G 106 12.47 -23.30 -11.31
N ILE G 107 13.13 -24.35 -10.80
CA ILE G 107 12.60 -25.71 -10.91
C ILE G 107 11.31 -25.87 -10.10
N ASN G 108 11.33 -25.44 -8.85
CA ASN G 108 10.14 -25.54 -8.03
C ASN G 108 8.98 -24.68 -8.53
N ASN G 109 9.29 -23.56 -9.15
CA ASN G 109 8.23 -22.71 -9.72
C ASN G 109 7.50 -23.38 -10.86
N ILE G 110 8.27 -23.79 -11.86
CA ILE G 110 7.69 -24.48 -13.00
C ILE G 110 6.90 -25.71 -12.56
N HIS G 111 7.36 -26.37 -11.51
CA HIS G 111 6.67 -27.55 -10.97
C HIS G 111 5.34 -27.22 -10.35
N LEU G 112 5.26 -26.09 -9.64
CA LEU G 112 3.97 -25.63 -9.11
C LEU G 112 3.07 -25.14 -10.24
N THR G 113 3.67 -24.53 -11.26
CA THR G 113 2.93 -24.10 -12.44
C THR G 113 2.37 -25.30 -13.23
N HIS G 114 3.20 -26.31 -13.41
CA HIS G 114 2.76 -27.59 -14.01
C HIS G 114 1.64 -28.20 -13.23
N SER G 115 1.77 -28.24 -11.90
CA SER G 115 0.80 -28.92 -11.02
C SER G 115 -0.64 -28.47 -11.23
N LEU G 116 -0.88 -27.15 -11.29
CA LEU G 116 -2.25 -26.62 -11.43
C LEU G 116 -2.71 -26.38 -12.88
N GLU G 117 -1.80 -26.40 -13.85
CA GLU G 117 -2.20 -26.29 -15.26
C GLU G 117 -2.92 -27.56 -15.70
N GLU G 118 -2.36 -28.71 -15.32
CA GLU G 118 -2.99 -30.00 -15.63
C GLU G 118 -4.10 -30.36 -14.62
N CYS G 119 -3.88 -30.05 -13.33
CA CYS G 119 -4.87 -30.32 -12.28
C CYS G 119 -4.60 -29.54 -11.01
N THR H 22 -17.25 24.86 -1.04
CA THR H 22 -18.72 24.69 -1.27
C THR H 22 -19.31 23.84 -0.13
N ASN H 23 -20.00 24.52 0.80
CA ASN H 23 -20.47 23.89 2.03
C ASN H 23 -21.80 23.16 1.87
N LEU H 24 -21.73 21.97 1.29
CA LEU H 24 -22.88 21.11 1.08
C LEU H 24 -22.90 20.05 2.18
N PRO H 25 -24.10 19.53 2.54
CA PRO H 25 -24.25 18.48 3.54
C PRO H 25 -23.30 17.29 3.32
N ARG H 26 -22.73 16.77 4.40
CA ARG H 26 -21.86 15.58 4.32
C ARG H 26 -22.65 14.31 4.06
N ASN H 27 -23.74 14.14 4.82
CA ASN H 27 -24.67 13.04 4.59
C ASN H 27 -26.06 13.59 4.26
N PRO H 28 -26.29 13.93 2.98
CA PRO H 28 -27.58 14.49 2.50
C PRO H 28 -28.81 13.61 2.76
N SER H 29 -28.60 12.35 3.12
CA SER H 29 -29.68 11.42 3.48
C SER H 29 -30.46 11.93 4.69
N MET H 30 -29.73 12.46 5.67
CA MET H 30 -30.32 12.94 6.92
C MET H 30 -30.61 14.44 6.87
N ALA H 31 -30.90 14.97 5.68
CA ALA H 31 -31.21 16.38 5.52
C ALA H 31 -32.60 16.72 6.04
N ASP H 32 -33.55 15.81 5.85
CA ASP H 32 -34.92 15.98 6.33
C ASP H 32 -34.98 15.66 7.84
N TYR H 33 -35.80 16.41 8.58
CA TYR H 33 -35.94 16.18 10.03
C TYR H 33 -36.62 14.85 10.36
N GLU H 34 -37.57 14.43 9.51
CA GLU H 34 -38.28 13.16 9.68
C GLU H 34 -37.33 11.98 9.74
N ALA H 35 -36.50 11.84 8.71
CA ALA H 35 -35.52 10.76 8.63
C ALA H 35 -34.55 10.81 9.80
N ARG H 36 -34.12 12.02 10.17
CA ARG H 36 -33.21 12.20 11.30
C ARG H 36 -33.77 11.57 12.56
N ILE H 37 -35.03 11.87 12.85
CA ILE H 37 -35.64 11.51 14.13
C ILE H 37 -35.82 9.99 14.29
N PHE H 38 -36.35 9.31 13.28
CA PHE H 38 -36.59 7.87 13.41
C PHE H 38 -35.31 7.04 13.26
N THR H 39 -34.15 7.70 13.41
CA THR H 39 -32.89 7.00 13.65
C THR H 39 -32.73 6.77 15.15
N PHE H 40 -33.50 7.51 15.95
CA PHE H 40 -33.55 7.33 17.39
C PHE H 40 -34.72 6.42 17.77
N GLY H 41 -34.90 5.33 17.01
CA GLY H 41 -35.98 4.39 17.24
C GLY H 41 -35.90 3.83 18.66
N THR H 42 -36.72 4.39 19.54
CA THR H 42 -36.63 4.12 20.97
C THR H 42 -35.22 4.38 21.46
N TRP H 43 -34.91 5.66 21.67
CA TRP H 43 -33.60 6.04 22.16
C TRP H 43 -33.38 5.41 23.50
N ILE H 44 -32.26 4.71 23.62
CA ILE H 44 -31.96 3.85 24.76
C ILE H 44 -31.15 4.56 25.86
N TYR H 45 -31.05 5.90 25.78
CA TYR H 45 -30.16 6.70 26.64
C TYR H 45 -30.86 7.91 27.29
N SER H 46 -30.13 8.62 28.15
CA SER H 46 -30.67 9.73 28.93
C SER H 46 -31.02 10.99 28.12
N VAL H 47 -30.03 11.54 27.40
CA VAL H 47 -30.18 12.84 26.72
C VAL H 47 -31.32 12.89 25.70
N ASN H 48 -31.89 14.08 25.53
CA ASN H 48 -33.15 14.24 24.81
C ASN H 48 -33.06 13.93 23.32
N LYS H 49 -33.98 13.08 22.86
CA LYS H 49 -33.95 12.58 21.48
C LYS H 49 -34.62 13.51 20.45
N GLU H 50 -35.27 14.57 20.93
CA GLU H 50 -35.85 15.58 20.03
C GLU H 50 -34.88 16.74 19.85
N GLN H 51 -34.16 17.06 20.92
CA GLN H 51 -33.15 18.12 20.91
C GLN H 51 -32.07 17.77 19.91
N LEU H 52 -31.45 16.61 20.10
CA LEU H 52 -30.39 16.12 19.22
C LEU H 52 -30.78 16.20 17.75
N ALA H 53 -31.95 15.67 17.42
CA ALA H 53 -32.45 15.70 16.05
C ALA H 53 -32.60 17.13 15.50
N ARG H 54 -33.04 18.05 16.35
CA ARG H 54 -33.17 19.47 15.96
C ARG H 54 -31.81 20.15 15.82
N ALA H 55 -30.84 19.72 16.63
CA ALA H 55 -29.47 20.21 16.54
C ALA H 55 -28.72 19.63 15.32
N GLY H 56 -29.38 18.75 14.57
CA GLY H 56 -28.85 18.22 13.31
C GLY H 56 -28.26 16.83 13.41
N PHE H 57 -28.37 16.21 14.59
CA PHE H 57 -27.74 14.91 14.83
C PHE H 57 -28.64 13.73 14.44
N TYR H 58 -28.01 12.56 14.30
CA TYR H 58 -28.71 11.30 14.12
C TYR H 58 -27.97 10.15 14.81
N ALA H 59 -28.70 9.08 15.10
CA ALA H 59 -28.14 7.93 15.80
C ALA H 59 -27.42 7.00 14.83
N LEU H 60 -26.33 6.40 15.31
CA LEU H 60 -25.60 5.41 14.52
C LEU H 60 -26.13 4.02 14.85
N GLY H 61 -26.06 3.67 16.14
CA GLY H 61 -26.45 2.33 16.62
C GLY H 61 -25.25 1.56 17.13
N GLU H 62 -24.42 2.21 17.93
CA GLU H 62 -23.19 1.60 18.47
C GLU H 62 -22.76 2.39 19.71
N GLY H 63 -23.63 2.36 20.71
CA GLY H 63 -23.56 3.29 21.83
C GLY H 63 -24.47 4.46 21.55
N ASP H 64 -24.25 5.55 22.27
CA ASP H 64 -25.01 6.81 22.09
C ASP H 64 -24.49 7.68 20.93
N LYS H 65 -23.53 7.16 20.17
CA LYS H 65 -22.87 7.90 19.09
C LYS H 65 -23.85 8.59 18.14
N VAL H 66 -23.58 9.86 17.86
CA VAL H 66 -24.34 10.61 16.87
C VAL H 66 -23.43 11.51 16.03
N LYS H 67 -23.90 11.84 14.83
CA LYS H 67 -23.16 12.69 13.88
C LYS H 67 -24.07 13.75 13.29
N CYS H 68 -23.56 14.98 13.14
CA CYS H 68 -24.34 16.03 12.48
C CYS H 68 -24.45 15.70 11.01
N PHE H 69 -25.62 15.91 10.43
CA PHE H 69 -25.85 15.61 9.03
C PHE H 69 -25.10 16.52 8.08
N HIS H 70 -24.57 17.63 8.59
CA HIS H 70 -23.92 18.63 7.76
C HIS H 70 -22.43 18.67 7.95
N CYS H 71 -21.96 18.99 9.16
CA CYS H 71 -20.52 19.05 9.42
C CYS H 71 -19.88 17.66 9.53
N GLY H 72 -20.68 16.65 9.88
CA GLY H 72 -20.18 15.29 10.08
C GLY H 72 -19.46 15.11 11.40
N GLY H 73 -19.62 16.07 12.30
CA GLY H 73 -19.02 16.01 13.63
C GLY H 73 -19.67 14.90 14.44
N GLY H 74 -18.83 14.10 15.09
CA GLY H 74 -19.29 12.96 15.87
C GLY H 74 -19.20 13.23 17.35
N LEU H 75 -20.32 13.06 18.05
CA LEU H 75 -20.33 13.18 19.50
C LEU H 75 -20.86 11.90 20.15
N THR H 76 -20.31 11.59 21.33
CA THR H 76 -20.65 10.41 22.08
C THR H 76 -20.23 10.57 23.55
N ASP H 77 -20.71 9.66 24.42
CA ASP H 77 -20.47 9.70 25.87
C ASP H 77 -21.08 10.92 26.56
N TRP H 78 -22.40 11.07 26.43
CA TRP H 78 -23.12 12.23 26.97
C TRP H 78 -23.31 12.17 28.46
N LYS H 79 -23.34 13.35 29.08
CA LYS H 79 -23.83 13.52 30.45
C LYS H 79 -25.35 13.75 30.33
N PRO H 80 -26.12 13.57 31.42
CA PRO H 80 -27.58 13.44 31.30
C PRO H 80 -28.36 14.64 30.76
N SER H 81 -28.09 15.84 31.26
CA SER H 81 -28.91 17.02 30.94
C SER H 81 -28.31 17.97 29.87
N GLU H 82 -27.27 17.52 29.17
CA GLU H 82 -26.49 18.38 28.27
C GLU H 82 -27.25 18.83 27.02
N ASP H 83 -26.81 19.98 26.49
CA ASP H 83 -27.44 20.58 25.31
C ASP H 83 -26.65 20.19 24.06
N PRO H 84 -27.35 19.64 23.03
CA PRO H 84 -26.63 19.34 21.79
C PRO H 84 -26.10 20.60 21.11
N TRP H 85 -26.99 21.55 20.82
CA TRP H 85 -26.64 22.85 20.26
C TRP H 85 -25.36 23.38 20.83
N GLU H 86 -25.23 23.30 22.16
CA GLU H 86 -24.05 23.80 22.83
C GLU H 86 -22.84 22.91 22.57
N GLN H 87 -22.99 21.61 22.77
CA GLN H 87 -21.89 20.66 22.55
C GLN H 87 -21.46 20.67 21.10
N HIS H 88 -22.43 20.85 20.21
CA HIS H 88 -22.15 21.00 18.78
C HIS H 88 -21.17 22.11 18.57
N ALA H 89 -21.50 23.29 19.09
CA ALA H 89 -20.67 24.48 18.92
C ALA H 89 -19.40 24.43 19.75
N LYS H 90 -19.39 23.62 20.80
CA LYS H 90 -18.19 23.49 21.64
C LYS H 90 -17.07 22.82 20.87
N TRP H 91 -17.41 21.81 20.07
CA TRP H 91 -16.42 20.97 19.39
C TRP H 91 -16.36 21.13 17.89
N TYR H 92 -17.46 21.49 17.24
CA TYR H 92 -17.51 21.65 15.77
C TYR H 92 -18.17 22.97 15.32
N PRO H 93 -17.55 24.12 15.62
CA PRO H 93 -18.14 25.44 15.33
C PRO H 93 -18.23 25.81 13.84
N GLY H 94 -17.59 25.04 12.97
CA GLY H 94 -17.60 25.29 11.54
C GLY H 94 -18.87 24.90 10.80
N CYS H 95 -19.74 24.11 11.41
CA CYS H 95 -20.99 23.66 10.75
C CYS H 95 -21.86 24.79 10.17
N LYS H 96 -22.16 24.72 8.87
CA LYS H 96 -22.99 25.73 8.20
C LYS H 96 -24.44 25.62 8.65
N TYR H 97 -24.85 24.42 9.04
CA TYR H 97 -26.19 24.23 9.60
C TYR H 97 -26.28 24.93 10.95
N LEU H 98 -25.31 24.68 11.81
CA LEU H 98 -25.19 25.37 13.09
C LEU H 98 -25.23 26.91 12.93
N LEU H 99 -24.61 27.42 11.87
CA LEU H 99 -24.58 28.86 11.64
C LEU H 99 -25.93 29.40 11.19
N GLU H 100 -26.60 28.70 10.29
CA GLU H 100 -27.95 29.08 9.82
C GLU H 100 -28.93 29.17 10.98
N GLN H 101 -28.86 28.19 11.87
CA GLN H 101 -29.83 28.02 12.95
C GLN H 101 -29.48 28.89 14.16
N LYS H 102 -28.30 28.63 14.74
CA LYS H 102 -27.92 29.26 16.00
C LYS H 102 -27.15 30.57 15.85
N GLY H 103 -26.42 30.74 14.76
CA GLY H 103 -25.78 32.02 14.46
C GLY H 103 -24.38 32.30 15.01
N GLN H 104 -23.77 33.29 14.40
CA GLN H 104 -22.42 33.77 14.69
C GLN H 104 -22.14 33.99 16.17
N GLU H 105 -23.02 34.75 16.82
CA GLU H 105 -22.81 35.17 18.19
C GLU H 105 -22.91 34.01 19.16
N TYR H 106 -23.88 33.13 18.94
CA TYR H 106 -24.00 31.93 19.76
C TYR H 106 -22.71 31.13 19.69
N ILE H 107 -22.26 30.80 18.47
CA ILE H 107 -21.06 29.97 18.30
C ILE H 107 -19.85 30.59 18.99
N ASN H 108 -19.60 31.86 18.68
CA ASN H 108 -18.45 32.55 19.25
C ASN H 108 -18.57 32.72 20.76
N ASN H 109 -19.81 32.76 21.25
CA ASN H 109 -20.07 32.91 22.69
C ASN H 109 -19.76 31.62 23.44
N ILE H 110 -20.34 30.52 22.96
CA ILE H 110 -20.05 29.22 23.54
C ILE H 110 -18.54 28.96 23.46
N HIS H 111 -17.94 29.36 22.35
CA HIS H 111 -16.51 29.21 22.18
C HIS H 111 -15.72 30.03 23.16
N LEU H 112 -16.09 31.31 23.31
CA LEU H 112 -15.39 32.19 24.26
C LEU H 112 -15.51 31.70 25.69
N THR H 113 -16.65 31.09 26.01
CA THR H 113 -16.91 30.50 27.32
C THR H 113 -16.15 29.19 27.54
N HIS H 114 -16.14 28.34 26.52
CA HIS H 114 -15.38 27.07 26.55
C HIS H 114 -13.91 27.30 26.78
N SER H 115 -13.35 28.36 26.21
CA SER H 115 -11.94 28.72 26.45
C SER H 115 -11.69 29.19 27.89
N LEU H 116 -12.75 29.64 28.57
CA LEU H 116 -12.73 29.91 30.01
C LEU H 116 -13.17 28.65 30.76
N GLU H 117 -12.50 27.53 30.48
CA GLU H 117 -12.89 26.22 31.02
C GLU H 117 -11.70 25.25 30.97
ZN ZN I . 12.86 -4.25 1.11
ZN ZN J . 2.95 -12.89 -1.03
N40 1AQ K . 7.32 -13.73 11.85
C41 1AQ K . 6.41 -14.24 12.88
C37 1AQ K . 7.41 -12.27 11.83
C39 1AQ K . 8.56 -11.78 10.94
C35 1AQ K . 6.12 -11.70 11.29
O36 1AQ K . 5.62 -12.14 10.29
C30 1AQ K . 4.68 -8.73 11.03
O31 1AQ K . 5.68 -8.19 11.46
C32 1AQ K . 4.30 -10.06 11.64
N34 1AQ K . 5.55 -10.71 11.99
C42 1AQ K . 3.62 -9.99 13.00
C43 1AQ K . 2.62 -8.85 13.21
C44 1AQ K . 2.34 -8.84 14.73
C45 1AQ K . 1.87 -10.21 15.25
F46 1AQ K . 1.85 -10.22 16.64
F47 1AQ K . 0.57 -10.45 14.78
C48 1AQ K . 2.76 -11.38 14.82
C49 1AQ K . 2.93 -11.32 13.30
C1 1AQ K . -2.75 -7.15 7.71
C2 1AQ K . -1.78 -6.72 6.60
O3 1AQ K . -0.53 -6.31 7.19
C4 1AQ K . 0.64 -7.04 6.79
C6 1AQ K . 0.91 -8.25 7.73
C7 1AQ K . 2.41 -8.14 8.05
C9 1AQ K . 2.77 -8.72 9.43
N10 1AQ K . 4.01 -8.13 10.00
C11 1AQ K . 4.55 -6.84 9.51
C13 1AQ K . 4.06 -6.46 8.11
N14 1AQ K . 2.64 -6.68 8.07
C15 1AQ K . 1.90 -6.14 6.93
C16 1AQ K . 4.14 -5.74 10.45
O17 1AQ K . 3.22 -5.92 11.22
N18 1AQ K . 4.82 -4.58 10.39
C19 1AQ K . 4.49 -3.44 11.25
C21 1AQ K . 3.37 -2.67 10.54
C22 1AQ K . 3.42 -1.18 10.91
O23 1AQ K . 4.71 -0.66 10.58
C24 1AQ K . 5.78 -1.26 11.15
C25 1AQ K . 6.93 -0.51 11.37
C26 1AQ K . 8.04 -1.11 11.94
C27 1AQ K . 7.99 -2.46 12.28
C28 1AQ K . 6.85 -3.20 12.06
C29 1AQ K . 5.74 -2.60 11.48
ZN ZN L . 6.05 -10.29 -15.11
ZN ZN M . 0.33 -10.41 -3.53
N40 1AQ N . -8.79 -12.51 -12.77
C41 1AQ N . -10.05 -13.12 -12.28
C37 1AQ N . -7.92 -13.47 -13.46
C39 1AQ N . -6.75 -12.74 -14.14
C35 1AQ N . -7.39 -14.48 -12.48
O36 1AQ N . -7.12 -14.16 -11.33
C30 1AQ N . -5.37 -17.19 -12.60
O31 1AQ N . -5.16 -16.96 -13.77
C32 1AQ N . -6.77 -16.86 -12.10
N34 1AQ N . -7.24 -15.74 -12.92
C42 1AQ N . -7.74 -18.02 -12.35
C43 1AQ N . -7.43 -19.24 -11.44
C44 1AQ N . -8.42 -20.37 -11.71
C45 1AQ N . -9.85 -19.89 -11.49
F46 1AQ N . -10.72 -20.93 -11.77
F47 1AQ N . -10.02 -19.48 -10.17
C48 1AQ N . -10.15 -18.70 -12.43
C49 1AQ N . -9.18 -17.56 -12.11
C1 1AQ N . -4.13 -21.88 -7.07
C2 1AQ N . -2.94 -21.02 -6.64
O3 1AQ N . -2.20 -20.59 -7.79
C4 1AQ N . -2.02 -19.17 -7.96
C6 1AQ N . -3.37 -18.42 -8.17
C7 1AQ N . -3.28 -17.81 -9.59
C9 1AQ N . -4.58 -17.96 -10.37
N10 1AQ N . -4.37 -17.68 -11.82
C11 1AQ N . -3.05 -17.95 -12.46
C13 1AQ N . -1.85 -17.98 -11.49
N14 1AQ N . -2.25 -18.64 -10.26
C15 1AQ N . -1.22 -18.91 -9.25
C16 1AQ N . -3.09 -19.30 -13.16
O17 1AQ N . -3.80 -20.19 -12.75
N18 1AQ N . -2.31 -19.49 -14.25
C19 1AQ N . -2.27 -20.75 -14.99
C21 1AQ N . -1.56 -21.80 -14.11
C22 1AQ N . -0.62 -22.73 -14.90
O23 1AQ N . 0.25 -21.93 -15.71
C24 1AQ N . -0.33 -21.11 -16.61
C25 1AQ N . 0.31 -20.86 -17.83
C26 1AQ N . -0.29 -20.02 -18.76
C27 1AQ N . -1.50 -19.42 -18.46
C28 1AQ N . -2.14 -19.66 -17.25
C29 1AQ N . -1.56 -20.51 -16.31
ZN ZN O . -14.74 37.21 11.70
N40 1AQ P . -0.93 35.46 18.49
C41 1AQ P . 0.14 35.61 19.50
C37 1AQ P . -1.94 36.54 18.56
C39 1AQ P . -2.69 36.68 17.23
C35 1AQ P . -2.90 36.20 19.66
O36 1AQ P . -3.34 35.07 19.76
C30 1AQ P . -5.48 37.69 21.33
O31 1AQ P . -5.48 38.63 20.55
C32 1AQ P . -4.14 37.04 21.66
N34 1AQ P . -3.24 37.19 20.52
C42 1AQ P . -3.33 37.78 22.75
C43 1AQ P . -4.07 38.81 23.60
C44 1AQ P . -2.97 39.67 24.24
C45 1AQ P . -1.94 38.81 25.02
F46 1AQ P . -0.84 39.60 25.33
F47 1AQ P . -2.55 38.38 26.20
C48 1AQ P . -1.43 37.58 24.25
C49 1AQ P . -2.60 36.79 23.68
C1 1AQ P . -9.07 35.25 27.91
C2 1AQ P . -10.03 34.64 26.89
O3 1AQ P . -10.04 35.46 25.71
C4 1AQ P . -9.80 34.83 24.44
C6 1AQ P . -8.28 34.68 24.16
C7 1AQ P . -8.05 35.45 22.84
C9 1AQ P . -6.68 36.14 22.81
N10 1AQ P . -6.65 37.25 21.84
C11 1AQ P . -7.86 37.99 21.43
C13 1AQ P . -9.16 37.18 21.63
N14 1AQ P . -9.10 36.49 22.90
C15 1AQ P . -10.29 35.76 23.31
C16 1AQ P . -7.96 39.27 22.20
O17 1AQ P . -7.37 39.41 23.24
N18 1AQ P . -8.71 40.27 21.73
C19 1AQ P . -8.82 41.56 22.44
C21 1AQ P . -10.06 41.48 23.36
C22 1AQ P . -10.72 42.86 23.48
O23 1AQ P . -11.05 43.30 22.16
C24 1AQ P . -10.01 43.46 21.30
C25 1AQ P . -10.08 44.45 20.33
C26 1AQ P . -9.03 44.62 19.45
C27 1AQ P . -7.92 43.79 19.54
C28 1AQ P . -7.85 42.81 20.51
C29 1AQ P . -8.90 42.63 21.40
ZN ZN Q . 1.61 19.25 2.98
ZN ZN R . -2.48 7.81 8.12
N40 1AQ S . 7.54 12.37 15.31
C41 1AQ S . 7.46 11.66 16.61
C37 1AQ S . 6.94 13.72 15.30
C39 1AQ S . 7.11 14.41 13.95
C35 1AQ S . 5.49 13.63 15.65
O36 1AQ S . 4.85 12.62 15.44
C30 1AQ S . 2.87 15.89 15.89
O31 1AQ S . 3.60 16.76 15.46
C32 1AQ S . 3.54 14.78 16.66
N34 1AQ S . 4.93 14.71 16.22
C42 1AQ S . 3.79 15.05 18.16
C43 1AQ S . 2.79 15.93 18.90
C44 1AQ S . 3.47 16.36 20.21
C45 1AQ S . 4.07 15.18 21.01
F46 1AQ S . 4.96 15.73 21.95
F47 1AQ S . 3.05 14.51 21.69
C48 1AQ S . 4.82 14.13 20.17
C49 1AQ S . 3.97 13.75 18.95
C1 1AQ S . -4.48 12.83 17.91
C2 1AQ S . -4.93 13.79 16.81
O3 1AQ S . -3.98 14.86 16.58
C4 1AQ S . -3.05 14.67 15.49
C6 1AQ S . -1.73 13.99 15.96
C7 1AQ S . -0.61 14.82 15.31
C9 1AQ S . 0.61 14.93 16.21
N10 1AQ S . 1.53 15.97 15.68
C11 1AQ S . 1.02 17.14 14.90
C13 1AQ S . -0.39 16.96 14.29
N14 1AQ S . -1.20 16.18 15.21
C15 1AQ S . -2.63 16.05 14.91
C16 1AQ S . 1.01 18.35 15.82
O17 1AQ S . 0.94 18.18 17.02
N18 1AQ S . 1.08 19.59 15.29
C19 1AQ S . 1.06 20.79 16.14
C21 1AQ S . -0.40 21.07 16.54
C22 1AQ S . -0.75 22.57 16.50
O23 1AQ S . -0.35 23.10 15.23
C24 1AQ S . 0.98 23.04 14.96
C25 1AQ S . 1.59 24.10 14.28
C26 1AQ S . 2.95 24.03 14.02
C27 1AQ S . 3.69 22.92 14.43
C28 1AQ S . 3.07 21.89 15.12
C29 1AQ S . 1.71 21.94 15.39
ZN ZN T . -9.86 6.56 -4.75
ZN ZN U . -7.05 8.30 7.78
N40 1AQ V . -17.91 1.03 6.79
C41 1AQ V . -18.50 0.21 7.87
C37 1AQ V . -17.35 0.21 5.70
C39 1AQ V . -17.15 1.05 4.43
C35 1AQ V . -16.03 -0.38 6.15
O36 1AQ V . -15.27 0.27 6.85
C30 1AQ V . -13.63 -2.29 4.85
O31 1AQ V . -14.19 -2.38 3.78
C32 1AQ V . -14.50 -2.34 6.09
N34 1AQ V . -15.74 -1.63 5.75
C42 1AQ V . -14.93 -3.78 6.46
C43 1AQ V . -13.74 -4.74 6.59
C44 1AQ V . -14.25 -6.14 6.92
C45 1AQ V . -15.07 -6.12 8.22
F46 1AQ V . -15.56 -7.42 8.44
F47 1AQ V . -14.26 -5.71 9.29
C48 1AQ V . -16.26 -5.16 8.08
C49 1AQ V . -15.73 -3.76 7.78
C1 1AQ V . -7.11 -4.40 8.58
C2 1AQ V . -6.73 -3.05 7.96
O3 1AQ V . -7.49 -2.84 6.78
C4 1AQ V . -7.90 -1.49 6.49
C6 1AQ V . -9.30 -1.21 7.12
C7 1AQ V . -10.27 -1.17 5.92
C9 1AQ V . -11.51 -2.03 6.15
N10 1AQ V . -12.27 -2.14 4.87
C11 1AQ V . -11.56 -2.11 3.55
C13 1AQ V . -10.19 -1.42 3.56
N14 1AQ V . -9.52 -1.77 4.79
C15 1AQ V . -8.13 -1.33 4.98
C16 1AQ V . -11.34 -3.53 3.08
O17 1AQ V . -11.09 -4.42 3.87
N18 1AQ V . -11.43 -3.78 1.75
C19 1AQ V . -11.21 -5.10 1.17
C21 1AQ V . -9.73 -5.47 1.37
C22 1AQ V . -9.10 -6.11 0.12
O23 1AQ V . -9.41 -5.35 -1.05
C24 1AQ V . -10.73 -5.17 -1.33
C25 1AQ V . -11.14 -5.11 -2.66
C26 1AQ V . -12.48 -4.92 -2.95
C27 1AQ V . -13.40 -4.79 -1.92
C28 1AQ V . -12.99 -4.85 -0.60
C29 1AQ V . -11.64 -5.04 -0.28
ZN ZN W . 14.43 -29.33 0.15
ZN ZN X . 6.52 -33.97 -9.11
N40 1AQ Y . 0.78 -36.16 2.44
C41 1AQ Y . -0.66 -36.41 2.34
C37 1AQ Y . 1.10 -34.84 3.01
C39 1AQ Y . 2.59 -34.69 3.29
C35 1AQ Y . 0.70 -33.79 2.01
O36 1AQ Y . 0.80 -33.98 0.82
C30 1AQ Y . 0.81 -30.49 1.57
O31 1AQ Y . 1.47 -30.38 2.60
C32 1AQ Y . -0.21 -31.59 1.53
N34 1AQ Y . 0.21 -32.62 2.46
C42 1AQ Y . -1.60 -31.28 2.07
C43 1AQ Y . -1.87 -29.83 2.49
C44 1AQ Y . -3.13 -29.90 3.38
C45 1AQ Y . -4.32 -30.63 2.70
F46 1AQ Y . -5.21 -30.97 3.72
F47 1AQ Y . -4.97 -29.77 1.81
C48 1AQ Y . -3.95 -31.92 1.94
C49 1AQ Y . -2.70 -31.71 1.08
C1 1AQ Y . -2.12 -26.33 -5.22
C2 1AQ Y . -0.62 -26.64 -5.33
O3 1AQ Y . -0.06 -26.82 -4.03
C4 1AQ Y . 0.95 -27.82 -3.87
C6 1AQ Y . 0.34 -29.09 -3.22
C7 1AQ Y . 1.15 -29.31 -1.93
C9 1AQ Y . 0.29 -29.76 -0.75
N10 1AQ Y . 1.06 -29.66 0.53
C11 1AQ Y . 2.09 -28.61 0.69
C13 1AQ Y . 2.73 -28.11 -0.62
N14 1AQ Y . 1.69 -27.96 -1.61
C15 1AQ Y . 2.04 -27.34 -2.88
C16 1AQ Y . 1.46 -27.43 1.40
O17 1AQ Y . 0.27 -27.20 1.29
N18 1AQ Y . 2.27 -26.67 2.16
C19 1AQ Y . 1.82 -25.49 2.91
C21 1AQ Y . 1.78 -24.32 1.90
C22 1AQ Y . 2.16 -23.00 2.59
O23 1AQ Y . 3.44 -23.15 3.22
C24 1AQ Y . 3.56 -24.12 4.15
C25 1AQ Y . 4.46 -23.95 5.19
C26 1AQ Y . 4.60 -24.93 6.15
C27 1AQ Y . 3.84 -26.09 6.06
C28 1AQ Y . 2.94 -26.26 5.03
C29 1AQ Y . 2.79 -25.27 4.06
ZN ZN Z . 18.50 -33.06 -17.70
ZN ZN AA . 6.61 -30.95 -12.39
N40 1AQ BA . 5.64 -29.76 -25.76
C41 1AQ BA . 4.29 -30.00 -26.33
C37 1AQ BA . 6.57 -30.90 -25.88
C39 1AQ BA . 7.98 -30.49 -25.48
C35 1AQ BA . 6.06 -32.02 -25.01
O36 1AQ BA . 5.59 -31.79 -23.91
C30 1AQ BA . 6.83 -35.25 -24.31
O31 1AQ BA . 7.83 -35.16 -24.99
C32 1AQ BA . 5.64 -34.43 -24.75
N34 1AQ BA . 6.12 -33.27 -25.49
C42 1AQ BA . 4.72 -35.08 -25.79
C43 1AQ BA . 4.98 -36.56 -26.07
C44 1AQ BA . 4.28 -36.83 -27.41
C45 1AQ BA . 2.78 -36.51 -27.34
F46 1AQ BA . 2.27 -36.51 -28.65
F47 1AQ BA . 2.16 -37.52 -26.61
C48 1AQ BA . 2.43 -35.14 -26.72
C49 1AQ BA . 3.24 -34.90 -25.45
C1 1AQ BA . 2.96 -38.95 -17.56
C2 1AQ BA . 4.23 -39.71 -17.94
O3 1AQ BA . 4.78 -39.22 -19.16
C4 1AQ BA . 5.51 -37.98 -19.08
C6 1AQ BA . 4.86 -36.93 -20.04
C7 1AQ BA . 6.04 -36.46 -20.91
C9 1AQ BA . 5.62 -36.20 -22.36
N10 1AQ BA . 6.83 -36.05 -23.20
C11 1AQ BA . 8.07 -36.80 -22.92
C13 1AQ BA . 8.25 -37.16 -21.42
N14 1AQ BA . 6.97 -37.62 -20.94
C15 1AQ BA . 6.96 -38.18 -19.59
C16 1AQ BA . 8.08 -38.07 -23.73
O17 1AQ BA . 7.05 -38.58 -24.13
N18 1AQ BA . 9.27 -38.63 -24.01
C19 1AQ BA . 9.42 -39.85 -24.79
C21 1AQ BA . 9.19 -41.01 -23.82
C22 1AQ BA . 10.30 -42.08 -23.90
O23 1AQ BA . 11.60 -41.49 -23.95
C24 1AQ BA . 11.82 -40.64 -24.97
C25 1AQ BA . 13.09 -40.60 -25.56
C26 1AQ BA . 13.33 -39.72 -26.62
C27 1AQ BA . 12.30 -38.89 -27.08
C28 1AQ BA . 11.05 -38.94 -26.49
C29 1AQ BA . 10.80 -39.82 -25.42
ZN ZN CA . -22.77 20.28 12.31
N40 1AQ DA . -20.25 15.94 26.67
C41 1AQ DA . -19.64 15.44 27.91
C37 1AQ DA . -20.10 15.03 25.52
C39 1AQ DA . -20.98 15.47 24.35
C35 1AQ DA . -18.66 14.94 25.10
O36 1AQ DA . -17.84 15.77 25.46
C30 1AQ DA . -16.88 13.64 22.35
O31 1AQ DA . -17.87 13.17 21.79
C32 1AQ DA . -16.90 13.75 23.86
N34 1AQ DA . -18.28 13.92 24.30
C42 1AQ DA . -16.46 12.49 24.62
C43 1AQ DA . -15.76 11.40 23.79
C44 1AQ DA . -15.55 10.17 24.68
C45 1AQ DA . -14.92 10.50 26.06
F46 1AQ DA . -15.07 9.36 26.87
F47 1AQ DA . -13.56 10.79 25.93
C48 1AQ DA . -15.57 11.69 26.76
C49 1AQ DA . -15.58 12.89 25.81
C1 1AQ DA . -8.93 15.24 22.00
C2 1AQ DA . -9.55 16.45 21.30
O3 1AQ DA . -10.56 15.99 20.41
C4 1AQ DA . -11.87 16.55 20.54
C6 1AQ DA . -12.57 16.10 21.85
C7 1AQ DA . -13.99 15.72 21.39
C9 1AQ DA . -14.61 14.66 22.29
N10 1AQ DA . -15.83 14.08 21.62
C11 1AQ DA . -15.89 13.94 20.16
C13 1AQ DA . -15.01 14.93 19.37
N14 1AQ DA . -13.75 15.13 20.05
C15 1AQ DA . -12.77 16.02 19.40
C16 1AQ DA . -15.45 12.53 19.83
O17 1AQ DA . -14.61 11.94 20.51
N18 1AQ DA . -16.02 11.94 18.76
C19 1AQ DA . -15.69 10.60 18.31
C21 1AQ DA . -14.35 10.69 17.53
C22 1AQ DA . -14.39 9.88 16.22
O23 1AQ DA . -15.58 10.19 15.48
C24 1AQ DA . -16.75 9.98 16.10
C25 1AQ DA . -17.87 9.58 15.36
C26 1AQ DA . -19.08 9.37 15.99
C27 1AQ DA . -19.18 9.55 17.35
C28 1AQ DA . -18.09 9.94 18.11
C29 1AQ DA . -16.86 10.15 17.47
#